data_8OJD
#
_entry.id   8OJD
#
_cell.length_a   1.00
_cell.length_b   1.00
_cell.length_c   1.00
_cell.angle_alpha   90.00
_cell.angle_beta   90.00
_cell.angle_gamma   90.00
#
_symmetry.space_group_name_H-M   'P 1'
#
loop_
_entity.id
_entity.type
_entity.pdbx_description
1 polymer 'DNA polymerase catalytic subunit'
2 polymer 'DNA (47-MER)'
3 polymer 'DNA (68-MER)'
4 non-polymer 'CALCIUM ION'
#
loop_
_entity_poly.entity_id
_entity_poly.type
_entity_poly.pdbx_seq_one_letter_code
_entity_poly.pdbx_strand_id
1 'polypeptide(L)'
;MFSGGGGPLSPGGKSAARAASGFFAPAGPRGASRGPPPCLRQNFYNPYLAPVGTQQKPTGPTQRHTYYSECDEFRFIAPR
VLDEDAPPEKRAGVHDGHLKRAPKVYCGGDERDVLRVGSGGFWPRRSRLWGGVDHAPAGFNPTVTVFHVYDILENVEHAY
GMRAAQFHARFMDAITPTGTVITLLGLTPEGHRVAVHVYGTRQYFYMNKEEVDRHLQCRAPRDLCERMAAALRESPGASF
RGISADHFEAEVVERTDVYYYETRPALFYRVYVRSGRVLSYLCDNFCPAIKKYEGGVDATTRFILDNPGFVTFGWYRLKP
GRNNTLAQPRAPMAFGTSSDVEFNCTADNLAIEGGMSDLPAYKLMCFDIECKAGGEDELAFPVAGHPEDLVIQISCLLYD
LSTTALEHVLLFSLGSCDLPESHLNELAARGLPTPVVLEFDSEFEMLLAFMTLVKQYGPEFVTGYNIINFDWPFLLAKLT
DIYKVPLDGYGRMNGRGVFRVWDIGQSHFQKRSKIKVNGMVNIDMYGIITDKIKLSSYKLNAVAEAVLKDKKKDLSYRDI
PAYYAAGPAQRGVIGEYCIQDSLLVGQLFFKFLPHLELSAVARLAGINITRTIYDGQQIRVFTCLLRLADQKGFILPDTQ
GRFRGAGGEAPKRPAAAREDEERPEEEGEDEDEREEGGGEREPEGARETAGRHVGYQGARVLDPTSGFHVNPVVVFDFAS
LYPSIIQAHNLCFSTLSLRADAVAHLEAGKDYLEIEVGGRRLFFVKAHVRESLLSILLRDWLAMRKQIRSRIPQSSPEEA
VLLDKQQAAIKVVCNSVYGFTGVQHGLLPCLHVAATVTTIGREMLLATREYVHARWAAFEQLLADFPEAADMRAPGPYSM
RIIYGDTDSIFVLCRGLTAAGLTAVGDKMASHISRALFLPPIKLECEKTFTKLLLIAKKKYIGVIYGGKMLIKGVDLVRK
NNCAFINRTSRALVDLLFYDDTVSGAAAALAERPAEEWLARPLPEGLQAFGAVLVDAHRRITDPERDIQDFVLTAELSRH
PRAYTNKRLAHLTVYYKLMARRAQVPSIKDRIPYVIVAQTREVEETVARLAALRELDAAAPGDEPAPPAALPSPAKRPRE
TPSPADPPGGASKPRKLLVSELAEDPAYAIAHGVALNTDYYFSHLLGAACVTFKALFGNNAKITESLLKRFIPEVWHPPD
DVAARLRTAGFGAVGAGATAEETRRMLHRAFDTLA
;
A
2 'polydeoxyribonucleotide'
;(DG)(DC)(DC)(DA)(DC)(DT)(DA)(DC)(DG)(DA)(DC)(DA)(DC)(DC)(DT)(DT)(DG)(DA)(DT)(DC)
(DG)(DC)(DC)(DT)(DC)(DG)(DC)(DA)(DG)(DC)(DC)(DG)(DT)(DC)(DC)(DA)(DA)(DC)(DC)(DA)
(DA)(DC)(DT)(DC)(DA)(DA)(AS)
;
C
3 'polydeoxyribonucleotide'
;(DA)(DT)(DT)(DT)(DG)(DC)(DT)(DG)(DA)(DC)(DC)(DT)(DT)(DT)(DG)(DT)(DT)(DC)(DT)(DG)
(DG)(DG)(DG)(DT)(DG)(DA)(DG)(DT)(DT)(DG)(DG)(DT)(DT)(DG)(DG)(DA)(DC)(DG)(DG)(DC)
(DT)(DG)(DC)(DG)(DA)(DG)(DG)(DC)(DG)(DA)(DT)(DC)(DA)(DA)(DG)(DG)(DT)(DG)(DT)(DC)
(DG)(DT)(DA)(DG)(DT)(DG)(DG)(DC)
;
D
#
loop_
_chem_comp.id
_chem_comp.type
_chem_comp.name
_chem_comp.formula
AS DNA linking '2-DEOXY-ADENOSINE -5'-THIO-MONOPHOSPHATE' 'C10 H14 N5 O5 P S'
CA non-polymer 'CALCIUM ION' 'Ca 2'
DA DNA linking 2'-DEOXYADENOSINE-5'-MONOPHOSPHATE 'C10 H14 N5 O6 P'
DC DNA linking 2'-DEOXYCYTIDINE-5'-MONOPHOSPHATE 'C9 H14 N3 O7 P'
DG DNA linking 2'-DEOXYGUANOSINE-5'-MONOPHOSPHATE 'C10 H14 N5 O7 P'
DT DNA linking THYMIDINE-5'-MONOPHOSPHATE 'C10 H15 N2 O8 P'
#
# COMPACT_ATOMS: atom_id res chain seq x y z
N PRO A 61 15.64 -34.84 7.54
CA PRO A 61 14.99 -33.95 8.52
C PRO A 61 13.60 -34.42 8.93
N THR A 62 13.07 -33.85 10.03
CA THR A 62 11.77 -34.26 10.56
C THR A 62 10.64 -33.83 9.61
N GLN A 63 10.71 -32.60 9.08
CA GLN A 63 9.84 -32.15 8.00
C GLN A 63 10.67 -31.98 6.72
N ARG A 64 10.20 -32.52 5.60
CA ARG A 64 10.95 -32.51 4.35
C ARG A 64 11.13 -31.08 3.85
N HIS A 65 12.37 -30.74 3.45
CA HIS A 65 12.67 -29.48 2.79
C HIS A 65 12.23 -29.58 1.33
N THR A 66 11.37 -28.67 0.84
CA THR A 66 10.81 -28.79 -0.50
C THR A 66 11.49 -27.90 -1.57
N TYR A 67 12.32 -26.93 -1.17
CA TYR A 67 13.19 -26.22 -2.12
C TYR A 67 14.24 -27.17 -2.69
N TYR A 68 14.88 -26.81 -3.82
CA TYR A 68 15.91 -27.66 -4.42
C TYR A 68 17.26 -27.46 -3.74
N SER A 69 17.81 -28.55 -3.23
CA SER A 69 19.17 -28.65 -2.73
C SER A 69 20.01 -29.59 -3.63
N GLU A 70 19.36 -30.36 -4.52
CA GLU A 70 20.02 -31.12 -5.57
C GLU A 70 19.20 -31.06 -6.85
N CYS A 71 19.89 -31.15 -8.00
CA CYS A 71 19.24 -31.06 -9.30
C CYS A 71 20.18 -31.62 -10.37
N ASP A 72 19.73 -32.64 -11.10
CA ASP A 72 20.54 -33.31 -12.10
C ASP A 72 20.03 -33.06 -13.52
N GLU A 73 18.83 -32.47 -13.66
CA GLU A 73 18.15 -32.38 -14.93
C GLU A 73 17.33 -31.09 -15.01
N PHE A 74 17.32 -30.44 -16.17
CA PHE A 74 16.46 -29.28 -16.32
C PHE A 74 16.12 -28.97 -17.78
N ARG A 75 15.07 -28.18 -17.97
CA ARG A 75 14.70 -27.68 -19.27
C ARG A 75 15.64 -26.54 -19.66
N PHE A 76 16.59 -26.84 -20.54
CA PHE A 76 17.56 -25.87 -21.00
C PHE A 76 16.91 -24.96 -22.03
N ILE A 77 16.58 -23.71 -21.66
CA ILE A 77 16.12 -22.70 -22.61
C ILE A 77 17.16 -21.59 -22.64
N ALA A 78 17.68 -21.28 -23.84
CA ALA A 78 18.69 -20.24 -24.01
C ALA A 78 18.67 -19.68 -25.42
N PRO A 79 18.95 -18.38 -25.64
CA PRO A 79 19.01 -17.82 -26.99
C PRO A 79 20.12 -18.43 -27.84
N ARG A 80 19.81 -18.72 -29.11
CA ARG A 80 20.82 -19.26 -30.01
C ARG A 80 21.91 -18.22 -30.32
N VAL A 81 21.60 -16.93 -30.08
CA VAL A 81 22.53 -15.83 -30.27
C VAL A 81 23.78 -15.93 -29.37
N LEU A 82 23.73 -16.76 -28.31
CA LEU A 82 24.87 -16.93 -27.41
C LEU A 82 25.92 -17.87 -28.00
N ASP A 83 25.59 -18.62 -29.06
CA ASP A 83 26.53 -19.54 -29.69
C ASP A 83 27.48 -18.77 -30.59
N GLU A 84 28.77 -18.72 -30.22
CA GLU A 84 29.78 -18.08 -31.05
C GLU A 84 30.02 -18.87 -32.36
N ASP A 85 30.28 -18.11 -33.44
CA ASP A 85 30.48 -18.61 -34.79
C ASP A 85 29.26 -19.37 -35.33
N ALA A 86 28.08 -19.16 -34.72
CA ALA A 86 26.83 -19.63 -35.30
C ALA A 86 26.56 -18.87 -36.60
N PRO A 87 26.12 -19.54 -37.71
CA PRO A 87 25.71 -18.82 -38.92
C PRO A 87 24.40 -18.09 -38.68
N PRO A 88 24.10 -16.98 -39.41
CA PRO A 88 22.89 -16.19 -39.20
C PRO A 88 21.55 -16.95 -39.22
N GLU A 89 21.50 -18.12 -39.89
CA GLU A 89 20.32 -18.98 -39.91
C GLU A 89 20.07 -19.64 -38.55
N LYS A 90 21.15 -19.94 -37.81
CA LYS A 90 21.09 -20.56 -36.49
C LYS A 90 21.16 -19.52 -35.36
N ARG A 91 21.67 -18.31 -35.64
CA ARG A 91 21.78 -17.22 -34.67
C ARG A 91 20.43 -16.54 -34.42
N ALA A 92 19.34 -17.34 -34.31
CA ALA A 92 18.00 -16.81 -34.02
C ALA A 92 17.12 -17.79 -33.21
N GLY A 93 16.13 -17.23 -32.50
CA GLY A 93 15.27 -17.99 -31.58
C GLY A 93 16.02 -18.54 -30.36
N VAL A 94 15.40 -19.53 -29.71
CA VAL A 94 15.95 -20.15 -28.50
C VAL A 94 16.10 -21.66 -28.68
N HIS A 95 17.13 -22.25 -28.07
CA HIS A 95 17.03 -23.66 -27.71
C HIS A 95 15.93 -23.84 -26.68
N ASP A 96 15.29 -25.01 -26.69
CA ASP A 96 14.35 -25.40 -25.65
C ASP A 96 14.34 -26.92 -25.65
N GLY A 97 14.99 -27.53 -24.66
CA GLY A 97 15.07 -28.97 -24.56
C GLY A 97 15.78 -29.41 -23.29
N HIS A 98 15.59 -30.65 -22.85
CA HIS A 98 16.14 -31.06 -21.57
C HIS A 98 17.63 -31.36 -21.66
N LEU A 99 18.33 -31.06 -20.55
CA LEU A 99 19.75 -31.35 -20.38
C LEU A 99 19.96 -32.02 -19.03
N LYS A 100 20.87 -33.01 -18.99
CA LYS A 100 21.06 -33.85 -17.83
C LYS A 100 22.44 -33.58 -17.20
N ARG A 101 22.59 -32.36 -16.67
CA ARG A 101 23.71 -32.01 -15.80
C ARG A 101 23.23 -31.06 -14.69
N ALA A 102 24.05 -30.89 -13.65
CA ALA A 102 23.74 -29.95 -12.58
C ALA A 102 23.69 -28.53 -13.11
N PRO A 103 22.73 -27.68 -12.69
CA PRO A 103 22.75 -26.25 -12.99
C PRO A 103 24.06 -25.61 -12.53
N LYS A 104 24.59 -24.70 -13.36
CA LYS A 104 25.97 -24.23 -13.19
C LYS A 104 26.06 -22.69 -13.26
N VAL A 105 27.05 -22.13 -12.54
CA VAL A 105 27.32 -20.70 -12.49
C VAL A 105 28.77 -20.46 -12.90
N TYR A 106 29.02 -19.43 -13.70
CA TYR A 106 30.38 -19.00 -13.99
C TYR A 106 30.58 -17.61 -13.37
N CYS A 107 31.73 -17.41 -12.71
CA CYS A 107 32.04 -16.12 -12.14
C CYS A 107 33.54 -15.89 -12.10
N GLY A 108 33.98 -14.82 -12.78
CA GLY A 108 35.39 -14.47 -12.90
C GLY A 108 36.26 -15.62 -13.43
N GLY A 109 35.66 -16.51 -14.23
CA GLY A 109 36.40 -17.61 -14.82
C GLY A 109 36.42 -18.90 -13.99
N ASP A 110 35.95 -18.86 -12.73
CA ASP A 110 35.67 -20.07 -11.98
C ASP A 110 34.24 -20.56 -12.27
N GLU A 111 34.02 -21.86 -12.00
CA GLU A 111 32.70 -22.48 -12.09
C GLU A 111 32.32 -23.15 -10.78
N ARG A 112 31.03 -23.08 -10.45
CA ARG A 112 30.44 -23.87 -9.36
C ARG A 112 29.05 -24.31 -9.79
N ASP A 113 28.58 -25.42 -9.21
CA ASP A 113 27.17 -25.77 -9.36
C ASP A 113 26.34 -24.78 -8.54
N VAL A 114 25.13 -24.46 -9.01
CA VAL A 114 24.25 -23.52 -8.33
C VAL A 114 23.92 -23.99 -6.90
N LEU A 115 23.68 -25.30 -6.73
CA LEU A 115 23.11 -25.82 -5.50
C LEU A 115 24.18 -26.36 -4.54
N ARG A 116 25.47 -26.25 -4.89
CA ARG A 116 26.59 -26.55 -4.00
C ARG A 116 26.78 -25.45 -2.96
N VAL A 117 26.63 -25.81 -1.68
CA VAL A 117 26.99 -24.95 -0.55
C VAL A 117 28.29 -25.44 0.08
N GLY A 118 29.17 -24.48 0.37
CA GLY A 118 30.50 -24.70 0.91
C GLY A 118 31.34 -23.42 0.81
N SER A 119 32.67 -23.56 0.81
CA SER A 119 33.56 -22.43 0.62
C SER A 119 33.50 -21.92 -0.82
N GLY A 120 33.88 -20.64 -1.02
CA GLY A 120 34.09 -20.09 -2.35
C GLY A 120 32.82 -19.70 -3.09
N GLY A 121 31.65 -19.75 -2.43
CA GLY A 121 30.39 -19.43 -3.06
C GLY A 121 30.36 -18.01 -3.63
N PHE A 122 29.69 -17.84 -4.78
CA PHE A 122 29.76 -16.55 -5.46
C PHE A 122 28.77 -15.54 -4.92
N TRP A 123 27.91 -15.94 -3.97
CA TRP A 123 26.94 -15.03 -3.36
C TRP A 123 26.90 -15.27 -1.85
N PRO A 124 26.50 -14.28 -1.01
CA PRO A 124 26.47 -14.48 0.43
C PRO A 124 25.34 -15.40 0.86
N ARG A 125 25.54 -16.06 2.02
CA ARG A 125 24.52 -16.88 2.63
C ARG A 125 24.34 -16.54 4.10
N ARG A 126 23.12 -16.73 4.60
CA ARG A 126 22.78 -16.63 6.03
C ARG A 126 21.96 -17.85 6.47
N SER A 127 22.23 -18.99 5.84
CA SER A 127 21.49 -20.21 6.11
C SER A 127 22.35 -21.16 6.92
N ARG A 128 21.79 -21.72 8.00
CA ARG A 128 22.47 -22.74 8.75
C ARG A 128 22.37 -24.07 8.01
N LEU A 129 21.13 -24.48 7.70
CA LEU A 129 20.88 -25.75 7.04
C LEU A 129 20.89 -25.53 5.53
N TRP A 130 21.34 -26.55 4.78
CA TRP A 130 21.08 -26.62 3.36
C TRP A 130 20.76 -28.06 2.99
N GLY A 131 19.50 -28.30 2.58
CA GLY A 131 18.99 -29.63 2.29
C GLY A 131 19.11 -30.58 3.46
N GLY A 132 19.04 -30.07 4.70
CA GLY A 132 19.19 -30.91 5.88
C GLY A 132 20.63 -31.11 6.35
N VAL A 133 21.64 -30.69 5.59
CA VAL A 133 23.01 -30.66 6.12
C VAL A 133 23.19 -29.41 6.98
N ASP A 134 23.70 -29.59 8.21
CA ASP A 134 24.01 -28.49 9.11
C ASP A 134 25.40 -27.94 8.80
N HIS A 135 25.45 -26.73 8.21
CA HIS A 135 26.71 -26.08 7.87
C HIS A 135 27.18 -25.08 8.94
N ALA A 136 26.62 -25.13 10.15
CA ALA A 136 27.09 -24.27 11.24
C ALA A 136 28.51 -24.66 11.65
N PRO A 137 29.30 -23.73 12.24
CA PRO A 137 30.58 -24.09 12.86
C PRO A 137 30.44 -25.17 13.93
N ALA A 138 31.53 -25.91 14.18
CA ALA A 138 31.53 -26.97 15.17
C ALA A 138 31.17 -26.43 16.56
N GLY A 139 30.13 -27.02 17.19
CA GLY A 139 29.70 -26.62 18.52
C GLY A 139 28.92 -25.31 18.58
N PHE A 140 28.51 -24.76 17.43
CA PHE A 140 27.74 -23.51 17.38
C PHE A 140 26.43 -23.64 18.15
N ASN A 141 26.22 -22.74 19.13
CA ASN A 141 25.05 -22.76 19.99
C ASN A 141 24.95 -21.41 20.73
N PRO A 142 24.50 -20.32 20.05
CA PRO A 142 24.37 -19.02 20.69
C PRO A 142 23.24 -19.01 21.72
N THR A 143 23.49 -18.37 22.87
CA THR A 143 22.44 -18.10 23.86
C THR A 143 21.50 -17.00 23.33
N VAL A 144 20.19 -17.20 23.50
CA VAL A 144 19.20 -16.20 23.12
C VAL A 144 18.45 -15.74 24.37
N THR A 145 18.50 -14.41 24.61
CA THR A 145 17.78 -13.79 25.71
C THR A 145 16.73 -12.83 25.14
N VAL A 146 17.15 -11.90 24.27
CA VAL A 146 16.24 -11.00 23.59
C VAL A 146 16.36 -11.18 22.08
N PHE A 147 15.23 -10.96 21.39
CA PHE A 147 15.14 -11.10 19.95
C PHE A 147 14.04 -10.16 19.44
N HIS A 148 14.17 -9.73 18.18
CA HIS A 148 13.22 -8.83 17.58
C HIS A 148 12.39 -9.59 16.57
N VAL A 149 11.06 -9.56 16.75
CA VAL A 149 10.13 -10.21 15.84
C VAL A 149 9.77 -9.22 14.75
N TYR A 150 9.74 -9.64 13.46
CA TYR A 150 9.28 -8.76 12.39
C TYR A 150 8.05 -9.32 11.69
N ASP A 151 7.87 -10.64 11.71
CA ASP A 151 6.75 -11.28 11.06
C ASP A 151 6.32 -12.48 11.89
N ILE A 152 5.04 -12.85 11.78
CA ILE A 152 4.52 -13.99 12.53
C ILE A 152 3.77 -14.91 11.58
N LEU A 153 4.09 -16.22 11.65
CA LEU A 153 3.42 -17.25 10.86
C LEU A 153 2.51 -18.06 11.79
N GLU A 154 1.48 -18.69 11.22
CA GLU A 154 0.66 -19.62 11.99
C GLU A 154 0.40 -20.86 11.16
N ASN A 155 0.71 -22.01 11.74
CA ASN A 155 0.77 -23.28 11.04
C ASN A 155 0.18 -24.37 11.95
N VAL A 156 -0.33 -25.45 11.37
CA VAL A 156 -0.84 -26.55 12.18
C VAL A 156 0.25 -27.61 12.27
N GLU A 157 0.71 -27.91 13.49
CA GLU A 157 1.52 -29.08 13.74
C GLU A 157 0.63 -30.20 14.28
N HIS A 158 1.10 -31.44 14.11
CA HIS A 158 0.43 -32.63 14.59
C HIS A 158 1.41 -33.41 15.45
N ALA A 159 1.01 -33.83 16.65
CA ALA A 159 1.89 -34.57 17.56
C ALA A 159 2.50 -35.80 16.87
N TYR A 160 1.70 -36.53 16.08
CA TYR A 160 2.16 -37.68 15.32
C TYR A 160 3.31 -37.29 14.37
N GLY A 161 3.16 -36.17 13.65
CA GLY A 161 4.19 -35.69 12.74
C GLY A 161 5.50 -35.32 13.44
N MET A 162 5.39 -34.74 14.65
CA MET A 162 6.53 -34.25 15.40
C MET A 162 7.11 -35.30 16.36
N ARG A 163 6.58 -36.54 16.36
CA ARG A 163 6.95 -37.59 17.32
C ARG A 163 8.45 -37.94 17.28
N ALA A 164 9.11 -37.71 16.14
CA ALA A 164 10.54 -37.99 15.96
C ALA A 164 11.43 -36.84 16.47
N ALA A 165 10.88 -35.63 16.62
CA ALA A 165 11.59 -34.51 17.25
C ALA A 165 11.64 -34.70 18.77
N GLN A 166 12.57 -33.99 19.43
CA GLN A 166 12.86 -34.20 20.84
C GLN A 166 12.03 -33.26 21.74
N PHE A 167 10.81 -32.88 21.32
CA PHE A 167 10.03 -31.84 22.01
C PHE A 167 9.49 -32.30 23.38
N HIS A 168 9.57 -31.40 24.38
CA HIS A 168 9.02 -31.70 25.70
C HIS A 168 7.52 -31.97 25.57
N ALA A 169 6.96 -32.67 26.56
CA ALA A 169 5.55 -33.07 26.52
C ALA A 169 4.60 -31.88 26.47
N ARG A 170 4.95 -30.76 27.14
CA ARG A 170 4.08 -29.60 27.23
C ARG A 170 3.85 -28.92 25.87
N PHE A 171 4.74 -29.15 24.90
CA PHE A 171 4.52 -28.73 23.52
C PHE A 171 3.69 -29.76 22.76
N MET A 172 4.02 -31.04 22.94
CA MET A 172 3.29 -32.12 22.27
C MET A 172 1.79 -32.10 22.62
N ASP A 173 1.44 -31.87 23.89
CA ASP A 173 0.05 -31.76 24.30
C ASP A 173 -0.70 -30.68 23.52
N ALA A 174 -0.08 -29.51 23.35
CA ALA A 174 -0.67 -28.39 22.65
C ALA A 174 -0.86 -28.65 21.16
N ILE A 175 -0.31 -29.76 20.64
CA ILE A 175 -0.54 -30.18 19.25
C ILE A 175 -1.05 -31.63 19.20
N THR A 176 -1.65 -32.13 20.30
CA THR A 176 -2.21 -33.47 20.34
C THR A 176 -3.72 -33.41 20.19
N PRO A 177 -4.36 -34.02 19.15
CA PRO A 177 -3.71 -34.63 17.99
C PRO A 177 -3.28 -33.62 16.93
N THR A 178 -3.84 -32.41 16.96
CA THR A 178 -3.42 -31.29 16.13
C THR A 178 -3.44 -30.00 16.98
N GLY A 179 -2.76 -28.96 16.50
CA GLY A 179 -2.87 -27.65 17.12
C GLY A 179 -2.16 -26.57 16.31
N THR A 180 -2.69 -25.34 16.38
CA THR A 180 -2.05 -24.21 15.75
C THR A 180 -0.82 -23.77 16.54
N VAL A 181 0.29 -23.58 15.83
CA VAL A 181 1.53 -23.09 16.37
C VAL A 181 1.83 -21.73 15.75
N ILE A 182 2.13 -20.74 16.59
CA ILE A 182 2.47 -19.40 16.17
C ILE A 182 4.00 -19.30 16.10
N THR A 183 4.57 -18.94 14.95
CA THR A 183 6.02 -18.89 14.80
C THR A 183 6.47 -17.45 14.65
N LEU A 184 7.24 -16.98 15.63
CA LEU A 184 7.76 -15.64 15.66
C LEU A 184 9.09 -15.63 14.90
N LEU A 185 9.24 -14.75 13.90
CA LEU A 185 10.44 -14.73 13.08
C LEU A 185 11.24 -13.47 13.40
N GLY A 186 12.55 -13.64 13.61
CA GLY A 186 13.35 -12.50 14.04
C GLY A 186 14.85 -12.67 13.96
N LEU A 187 15.55 -11.68 14.55
CA LEU A 187 16.99 -11.69 14.76
C LEU A 187 17.28 -11.47 16.24
N THR A 188 18.41 -12.02 16.71
CA THR A 188 19.02 -11.56 17.96
C THR A 188 19.80 -10.27 17.68
N PRO A 189 20.25 -9.52 18.72
CA PRO A 189 21.10 -8.35 18.49
C PRO A 189 22.42 -8.63 17.77
N GLU A 190 22.94 -9.88 17.89
CA GLU A 190 24.14 -10.33 17.18
C GLU A 190 23.87 -10.69 15.70
N GLY A 191 22.61 -10.63 15.26
CA GLY A 191 22.23 -10.92 13.88
C GLY A 191 22.04 -12.42 13.60
N HIS A 192 21.84 -13.24 14.63
CA HIS A 192 21.46 -14.63 14.40
C HIS A 192 19.97 -14.69 14.07
N ARG A 193 19.59 -15.43 13.02
CA ARG A 193 18.20 -15.63 12.62
C ARG A 193 17.52 -16.61 13.55
N VAL A 194 16.38 -16.22 14.13
CA VAL A 194 15.66 -17.06 15.09
C VAL A 194 14.25 -17.29 14.60
N ALA A 195 13.73 -18.48 14.93
CA ALA A 195 12.29 -18.71 14.93
C ALA A 195 11.90 -19.25 16.31
N VAL A 196 10.92 -18.62 16.96
CA VAL A 196 10.39 -19.13 18.21
C VAL A 196 8.96 -19.59 17.98
N HIS A 197 8.71 -20.87 18.21
CA HIS A 197 7.41 -21.49 18.02
C HIS A 197 6.63 -21.49 19.33
N VAL A 198 5.48 -20.81 19.34
CA VAL A 198 4.65 -20.62 20.52
C VAL A 198 3.45 -21.57 20.44
N TYR A 199 3.33 -22.40 21.45
CA TYR A 199 2.31 -23.43 21.56
C TYR A 199 1.16 -22.96 22.46
N GLY A 200 -0.03 -23.55 22.30
CA GLY A 200 -1.10 -23.38 23.28
C GLY A 200 -2.16 -22.32 22.91
N THR A 201 -2.00 -21.57 21.83
CA THR A 201 -3.02 -20.64 21.38
C THR A 201 -4.15 -21.36 20.65
N ARG A 202 -5.25 -21.67 21.36
CA ARG A 202 -6.49 -22.13 20.72
C ARG A 202 -7.21 -20.93 20.12
N GLN A 203 -7.85 -21.11 18.96
CA GLN A 203 -8.86 -20.17 18.48
C GLN A 203 -10.20 -20.48 19.14
N TYR A 204 -11.10 -19.50 19.17
CA TYR A 204 -12.42 -19.69 19.78
C TYR A 204 -13.44 -18.78 19.11
N PHE A 205 -14.70 -19.23 19.21
CA PHE A 205 -15.89 -18.52 18.74
C PHE A 205 -17.02 -18.74 19.74
N TYR A 206 -18.09 -17.93 19.64
CA TYR A 206 -19.22 -18.04 20.55
C TYR A 206 -20.53 -18.30 19.78
N MET A 207 -21.48 -18.95 20.47
CA MET A 207 -22.84 -19.15 20.03
C MET A 207 -23.79 -19.01 21.22
N ASN A 208 -25.00 -18.47 21.01
CA ASN A 208 -25.93 -18.23 22.12
C ASN A 208 -26.41 -19.55 22.73
N LYS A 209 -26.33 -19.68 24.07
CA LYS A 209 -26.65 -20.92 24.76
C LYS A 209 -28.09 -21.36 24.55
N GLU A 210 -29.05 -20.43 24.64
CA GLU A 210 -30.47 -20.76 24.50
C GLU A 210 -30.78 -21.18 23.07
N GLU A 211 -30.17 -20.53 22.07
CA GLU A 211 -30.38 -20.93 20.68
C GLU A 211 -29.77 -22.30 20.41
N VAL A 212 -28.56 -22.57 20.91
CA VAL A 212 -27.92 -23.87 20.72
C VAL A 212 -28.75 -24.96 21.41
N ASP A 213 -29.07 -24.80 22.70
CA ASP A 213 -29.82 -25.79 23.46
C ASP A 213 -31.16 -26.10 22.78
N ARG A 214 -31.86 -25.08 22.29
CA ARG A 214 -33.17 -25.22 21.65
C ARG A 214 -33.04 -25.82 20.24
N HIS A 215 -31.97 -25.47 19.50
CA HIS A 215 -31.82 -25.90 18.13
C HIS A 215 -31.38 -27.37 18.03
N LEU A 216 -30.43 -27.81 18.88
CA LEU A 216 -29.86 -29.15 18.75
C LEU A 216 -29.89 -29.97 20.06
N GLN A 217 -30.74 -29.58 21.01
CA GLN A 217 -31.12 -30.37 22.19
C GLN A 217 -29.95 -30.65 23.14
N CYS A 218 -28.88 -29.84 23.09
CA CYS A 218 -27.76 -29.90 24.02
C CYS A 218 -28.21 -29.65 25.47
N ARG A 219 -27.62 -30.37 26.44
CA ARG A 219 -27.86 -30.17 27.86
C ARG A 219 -26.63 -29.58 28.57
N ALA A 220 -25.43 -30.10 28.24
CA ALA A 220 -24.17 -29.72 28.88
C ALA A 220 -23.04 -29.64 27.84
N PRO A 221 -21.94 -28.88 28.09
CA PRO A 221 -21.00 -28.50 27.03
C PRO A 221 -20.42 -29.63 26.17
N ARG A 222 -20.13 -30.80 26.76
CA ARG A 222 -19.59 -31.93 26.01
C ARG A 222 -20.58 -32.47 24.96
N ASP A 223 -21.89 -32.22 25.15
CA ASP A 223 -22.87 -32.54 24.12
C ASP A 223 -22.60 -31.71 22.87
N LEU A 224 -22.35 -30.39 23.03
CA LEU A 224 -22.06 -29.53 21.89
C LEU A 224 -20.76 -29.97 21.21
N CYS A 225 -19.74 -30.37 21.98
CA CYS A 225 -18.51 -30.93 21.44
C CYS A 225 -18.77 -32.17 20.58
N GLU A 226 -19.67 -33.06 21.02
CA GLU A 226 -20.09 -34.22 20.24
C GLU A 226 -20.85 -33.82 18.97
N ARG A 227 -21.76 -32.83 19.06
CA ARG A 227 -22.53 -32.37 17.90
C ARG A 227 -21.59 -31.81 16.83
N MET A 228 -20.63 -30.98 17.22
CA MET A 228 -19.65 -30.42 16.30
C MET A 228 -18.73 -31.50 15.73
N ALA A 229 -18.26 -32.43 16.57
CA ALA A 229 -17.46 -33.56 16.11
C ALA A 229 -18.22 -34.38 15.05
N ALA A 230 -19.49 -34.72 15.30
CA ALA A 230 -20.34 -35.41 14.33
C ALA A 230 -20.47 -34.62 13.03
N ALA A 231 -20.70 -33.30 13.13
CA ALA A 231 -20.79 -32.42 11.96
C ALA A 231 -19.48 -32.39 11.15
N LEU A 232 -18.33 -32.63 11.79
CA LEU A 232 -17.06 -32.82 11.07
C LEU A 232 -17.02 -34.20 10.40
N ARG A 233 -17.33 -35.30 11.12
CA ARG A 233 -17.27 -36.65 10.55
C ARG A 233 -18.11 -36.76 9.28
N GLU A 234 -19.29 -36.12 9.31
CA GLU A 234 -20.30 -36.18 8.27
C GLU A 234 -20.08 -35.13 7.17
N SER A 235 -18.86 -34.59 7.03
CA SER A 235 -18.53 -33.57 6.03
C SER A 235 -18.75 -34.07 4.59
N PRO A 236 -19.11 -33.18 3.63
CA PRO A 236 -19.37 -33.57 2.24
C PRO A 236 -18.21 -34.29 1.54
N GLY A 237 -16.98 -33.79 1.71
CA GLY A 237 -15.77 -34.53 1.38
C GLY A 237 -15.17 -35.18 2.63
N ALA A 238 -14.16 -36.06 2.45
CA ALA A 238 -13.49 -36.72 3.56
C ALA A 238 -12.42 -35.82 4.21
N SER A 239 -12.79 -34.54 4.44
CA SER A 239 -11.85 -33.48 4.80
C SER A 239 -11.47 -33.51 6.29
N PHE A 240 -12.37 -34.04 7.14
CA PHE A 240 -12.11 -34.16 8.57
C PHE A 240 -12.28 -35.61 9.03
N ARG A 241 -11.18 -36.18 9.58
CA ARG A 241 -11.14 -37.55 10.07
C ARG A 241 -10.26 -37.62 11.33
N GLY A 242 -10.45 -38.70 12.12
CA GLY A 242 -9.77 -38.86 13.40
C GLY A 242 -10.33 -37.95 14.50
N ILE A 243 -11.53 -37.39 14.28
CA ILE A 243 -12.14 -36.40 15.16
C ILE A 243 -12.67 -37.07 16.44
N SER A 244 -12.64 -36.31 17.54
CA SER A 244 -13.35 -36.63 18.77
C SER A 244 -13.89 -35.34 19.41
N ALA A 245 -14.78 -35.47 20.39
CA ALA A 245 -15.24 -34.34 21.18
C ALA A 245 -14.07 -33.57 21.81
N ASP A 246 -12.93 -34.23 22.07
CA ASP A 246 -11.76 -33.64 22.72
C ASP A 246 -11.00 -32.67 21.82
N HIS A 247 -11.27 -32.66 20.50
CA HIS A 247 -10.76 -31.62 19.61
C HIS A 247 -11.37 -30.25 19.94
N PHE A 248 -12.42 -30.26 20.79
CA PHE A 248 -13.09 -29.07 21.26
C PHE A 248 -13.05 -28.99 22.77
N GLU A 249 -13.11 -27.75 23.26
CA GLU A 249 -13.44 -27.50 24.64
C GLU A 249 -14.54 -26.44 24.61
N ALA A 250 -15.61 -26.67 25.39
CA ALA A 250 -16.72 -25.75 25.41
C ALA A 250 -17.01 -25.34 26.85
N GLU A 251 -17.30 -24.04 27.05
CA GLU A 251 -17.68 -23.52 28.35
C GLU A 251 -18.79 -22.50 28.19
N VAL A 252 -19.54 -22.30 29.28
CA VAL A 252 -20.58 -21.29 29.32
C VAL A 252 -19.98 -20.02 29.92
N VAL A 253 -20.22 -18.88 29.24
CA VAL A 253 -19.79 -17.56 29.69
C VAL A 253 -20.92 -16.57 29.44
N GLU A 254 -20.92 -15.46 30.18
CA GLU A 254 -21.89 -14.39 29.94
C GLU A 254 -21.23 -13.29 29.12
N ARG A 255 -21.87 -12.89 28.02
CA ARG A 255 -21.37 -11.87 27.11
C ARG A 255 -22.53 -11.05 26.55
N THR A 256 -22.24 -9.93 25.90
CA THR A 256 -23.26 -9.10 25.28
C THR A 256 -22.93 -8.91 23.81
N ASP A 257 -23.93 -9.03 22.92
CA ASP A 257 -23.67 -8.76 21.52
C ASP A 257 -23.35 -7.28 21.42
N VAL A 258 -22.39 -6.91 20.57
CA VAL A 258 -21.95 -5.54 20.49
C VAL A 258 -23.04 -4.65 19.91
N TYR A 259 -24.04 -5.20 19.20
CA TYR A 259 -25.07 -4.36 18.59
C TYR A 259 -26.20 -3.97 19.55
N TYR A 260 -26.48 -2.66 19.55
CA TYR A 260 -27.62 -1.95 20.16
C TYR A 260 -27.52 -1.85 21.70
N TYR A 261 -28.13 -0.76 22.20
CA TYR A 261 -28.14 -0.42 23.61
C TYR A 261 -29.08 -1.33 24.39
N GLU A 262 -30.23 -1.71 23.82
CA GLU A 262 -31.20 -2.50 24.55
C GLU A 262 -30.72 -3.93 24.83
N THR A 263 -29.69 -4.39 24.10
CA THR A 263 -29.28 -5.79 24.08
C THR A 263 -28.80 -6.29 25.45
N ARG A 264 -29.48 -7.33 25.96
CA ARG A 264 -29.19 -7.91 27.26
C ARG A 264 -27.92 -8.78 27.23
N PRO A 265 -27.12 -8.86 28.31
CA PRO A 265 -26.12 -9.90 28.43
C PRO A 265 -26.82 -11.26 28.46
N ALA A 266 -26.20 -12.24 27.79
CA ALA A 266 -26.75 -13.59 27.73
C ALA A 266 -25.66 -14.61 27.90
N LEU A 267 -26.08 -15.86 28.12
CA LEU A 267 -25.16 -16.99 28.19
C LEU A 267 -24.82 -17.44 26.78
N PHE A 268 -23.51 -17.56 26.52
CA PHE A 268 -22.99 -18.11 25.29
C PHE A 268 -22.15 -19.33 25.62
N TYR A 269 -22.15 -20.31 24.73
CA TYR A 269 -21.07 -21.27 24.69
C TYR A 269 -19.90 -20.59 24.01
N ARG A 270 -18.74 -20.54 24.68
CA ARG A 270 -17.47 -20.27 24.03
C ARG A 270 -16.85 -21.61 23.70
N VAL A 271 -16.56 -21.82 22.42
CA VAL A 271 -16.01 -23.06 21.91
C VAL A 271 -14.57 -22.80 21.47
N TYR A 272 -13.65 -23.60 22.01
CA TYR A 272 -12.25 -23.58 21.62
C TYR A 272 -12.01 -24.65 20.57
N VAL A 273 -11.26 -24.30 19.51
CA VAL A 273 -10.93 -25.22 18.44
C VAL A 273 -9.40 -25.24 18.23
N ARG A 274 -8.89 -26.41 17.82
CA ARG A 274 -7.45 -26.61 17.69
C ARG A 274 -6.91 -26.18 16.32
N SER A 275 -7.75 -25.95 15.30
CA SER A 275 -7.26 -25.61 13.96
C SER A 275 -8.17 -24.60 13.26
N GLY A 276 -7.57 -23.65 12.53
CA GLY A 276 -8.29 -22.67 11.74
C GLY A 276 -9.09 -23.28 10.60
N ARG A 277 -8.65 -24.42 10.08
CA ARG A 277 -9.37 -25.16 9.05
C ARG A 277 -10.68 -25.71 9.63
N VAL A 278 -10.61 -26.37 10.80
CA VAL A 278 -11.78 -26.86 11.53
C VAL A 278 -12.76 -25.72 11.82
N LEU A 279 -12.23 -24.58 12.31
CA LEU A 279 -13.03 -23.41 12.58
C LEU A 279 -13.76 -22.95 11.32
N SER A 280 -13.04 -22.80 10.21
CA SER A 280 -13.60 -22.26 8.99
C SER A 280 -14.77 -23.12 8.47
N TYR A 281 -14.71 -24.43 8.68
CA TYR A 281 -15.83 -25.31 8.34
C TYR A 281 -17.01 -25.11 9.30
N LEU A 282 -16.79 -25.14 10.62
CA LEU A 282 -17.91 -24.96 11.54
C LEU A 282 -18.56 -23.57 11.35
N CYS A 283 -17.78 -22.55 11.02
CA CYS A 283 -18.30 -21.21 10.85
C CYS A 283 -18.95 -20.97 9.49
N ASP A 284 -19.32 -22.05 8.79
CA ASP A 284 -19.92 -21.99 7.47
C ASP A 284 -20.93 -23.11 7.23
N ASN A 285 -20.65 -24.29 7.81
CA ASN A 285 -21.40 -25.53 7.60
C ASN A 285 -22.17 -26.03 8.82
N PHE A 286 -21.85 -25.57 10.05
CA PHE A 286 -22.50 -26.10 11.24
C PHE A 286 -23.58 -25.17 11.76
N CYS A 287 -24.81 -25.69 11.90
CA CYS A 287 -25.97 -24.93 12.37
C CYS A 287 -25.97 -23.50 11.85
N PRO A 288 -26.11 -23.27 10.52
CA PRO A 288 -26.09 -21.91 9.99
C PRO A 288 -27.29 -21.09 10.45
N ALA A 289 -28.30 -21.75 11.03
CA ALA A 289 -29.44 -21.11 11.69
C ALA A 289 -29.03 -20.28 12.92
N ILE A 290 -27.87 -20.59 13.53
CA ILE A 290 -27.41 -19.98 14.77
C ILE A 290 -26.26 -19.03 14.47
N LYS A 291 -26.40 -17.76 14.87
CA LYS A 291 -25.39 -16.76 14.58
C LYS A 291 -24.13 -17.04 15.39
N LYS A 292 -22.96 -16.75 14.79
CA LYS A 292 -21.66 -17.05 15.37
C LYS A 292 -20.84 -15.78 15.55
N TYR A 293 -19.97 -15.80 16.55
CA TYR A 293 -19.24 -14.62 16.96
C TYR A 293 -17.74 -14.90 16.96
N GLU A 294 -17.00 -14.01 16.30
CA GLU A 294 -15.54 -14.00 16.29
C GLU A 294 -14.92 -15.27 15.67
N GLY A 295 -15.68 -16.06 14.90
CA GLY A 295 -15.16 -17.19 14.17
C GLY A 295 -14.16 -16.81 13.09
N GLY A 296 -14.14 -15.55 12.66
CA GLY A 296 -13.15 -15.17 11.68
C GLY A 296 -11.80 -14.75 12.27
N VAL A 297 -11.64 -14.80 13.61
CA VAL A 297 -10.44 -14.28 14.26
C VAL A 297 -9.35 -15.35 14.23
N ASP A 298 -8.17 -14.99 13.67
CA ASP A 298 -7.07 -15.92 13.51
C ASP A 298 -6.27 -16.12 14.80
N ALA A 299 -5.47 -17.18 14.82
CA ALA A 299 -4.71 -17.55 16.00
C ALA A 299 -3.69 -16.46 16.34
N THR A 300 -3.10 -15.81 15.33
CA THR A 300 -2.20 -14.70 15.55
C THR A 300 -2.88 -13.60 16.36
N THR A 301 -4.07 -13.17 15.97
CA THR A 301 -4.83 -12.17 16.72
C THR A 301 -5.14 -12.64 18.15
N ARG A 302 -5.58 -13.88 18.33
CA ARG A 302 -5.81 -14.39 19.68
C ARG A 302 -4.53 -14.35 20.50
N PHE A 303 -3.37 -14.74 19.92
CA PHE A 303 -2.09 -14.67 20.62
C PHE A 303 -1.77 -13.24 21.06
N ILE A 304 -1.93 -12.26 20.15
CA ILE A 304 -1.56 -10.90 20.44
C ILE A 304 -2.51 -10.27 21.46
N LEU A 305 -3.82 -10.59 21.41
CA LEU A 305 -4.79 -9.95 22.28
C LEU A 305 -4.87 -10.61 23.66
N ASP A 306 -4.72 -11.93 23.74
CA ASP A 306 -4.88 -12.66 24.99
C ASP A 306 -3.70 -12.44 25.94
N ASN A 307 -2.58 -11.95 25.42
CA ASN A 307 -1.38 -11.66 26.22
C ASN A 307 -1.16 -10.15 26.28
N PRO A 308 -1.41 -9.48 27.42
CA PRO A 308 -1.29 -8.03 27.46
C PRO A 308 0.12 -7.54 27.07
N GLY A 309 0.13 -6.52 26.24
CA GLY A 309 1.40 -5.89 25.93
C GLY A 309 1.96 -6.32 24.58
N PHE A 310 1.74 -7.58 24.20
CA PHE A 310 2.41 -8.21 23.06
C PHE A 310 2.18 -7.47 21.74
N VAL A 311 3.20 -7.55 20.86
CA VAL A 311 3.23 -6.86 19.58
C VAL A 311 3.60 -7.82 18.45
N THR A 312 3.20 -7.47 17.24
CA THR A 312 3.53 -8.23 16.05
C THR A 312 4.88 -7.82 15.44
N PHE A 313 5.45 -6.70 15.90
CA PHE A 313 6.75 -6.22 15.44
C PHE A 313 7.48 -5.53 16.59
N GLY A 314 8.62 -6.04 17.02
CA GLY A 314 9.32 -5.44 18.14
C GLY A 314 10.13 -6.43 18.96
N TRP A 315 10.78 -5.92 20.00
CA TRP A 315 11.68 -6.71 20.84
C TRP A 315 10.92 -7.49 21.90
N TYR A 316 11.35 -8.75 22.06
CA TYR A 316 10.85 -9.68 23.05
C TYR A 316 12.01 -10.26 23.84
N ARG A 317 11.66 -10.86 25.00
CA ARG A 317 12.61 -11.53 25.88
C ARG A 317 12.07 -12.93 26.18
N LEU A 318 12.93 -13.95 26.12
CA LEU A 318 12.63 -15.27 26.65
C LEU A 318 12.77 -15.25 28.18
N LYS A 319 11.84 -15.90 28.89
CA LYS A 319 11.79 -15.87 30.35
C LYS A 319 11.15 -17.14 30.92
N PRO A 320 11.30 -17.41 32.24
CA PRO A 320 10.62 -18.54 32.88
C PRO A 320 9.10 -18.42 32.85
N GLY A 321 8.45 -19.58 32.63
CA GLY A 321 6.99 -19.68 32.63
C GLY A 321 6.40 -19.81 34.04
N ARG A 322 5.09 -20.06 34.11
CA ARG A 322 4.35 -20.03 35.37
C ARG A 322 4.80 -21.13 36.34
N ASN A 323 5.19 -22.30 35.80
CA ASN A 323 5.72 -23.40 36.61
C ASN A 323 7.25 -23.49 36.50
N ASN A 324 7.91 -22.35 36.22
CA ASN A 324 9.36 -22.22 36.06
C ASN A 324 9.89 -23.07 34.89
N THR A 325 9.02 -23.32 33.90
CA THR A 325 9.38 -23.95 32.64
C THR A 325 10.18 -22.96 31.77
N LEU A 326 10.96 -23.49 30.81
CA LEU A 326 11.77 -22.65 29.93
C LEU A 326 11.47 -22.97 28.46
N ALA A 327 11.83 -22.02 27.58
CA ALA A 327 11.89 -22.28 26.14
C ALA A 327 12.89 -23.41 25.86
N GLN A 328 12.51 -24.33 24.98
CA GLN A 328 13.35 -25.47 24.62
C GLN A 328 13.97 -25.21 23.25
N PRO A 329 15.32 -25.21 23.08
CA PRO A 329 15.89 -25.12 21.74
C PRO A 329 15.59 -26.39 20.94
N ARG A 330 15.13 -26.23 19.69
CA ARG A 330 14.99 -27.36 18.78
C ARG A 330 16.37 -27.86 18.34
N ALA A 331 16.47 -29.16 18.04
CA ALA A 331 17.62 -29.72 17.34
C ALA A 331 17.60 -29.24 15.89
N PRO A 332 18.76 -29.09 15.19
CA PRO A 332 18.78 -28.63 13.79
C PRO A 332 17.90 -29.45 12.86
N MET A 333 17.80 -30.77 13.08
CA MET A 333 17.00 -31.62 12.20
C MET A 333 15.50 -31.51 12.49
N ALA A 334 15.10 -30.56 13.36
CA ALA A 334 13.71 -30.26 13.67
C ALA A 334 13.35 -28.82 13.33
N PHE A 335 14.22 -28.06 12.66
CA PHE A 335 13.92 -26.67 12.34
C PHE A 335 12.81 -26.59 11.28
N GLY A 336 11.85 -25.68 11.50
CA GLY A 336 10.79 -25.44 10.55
C GLY A 336 11.17 -24.42 9.48
N THR A 337 12.25 -23.67 9.74
CA THR A 337 12.60 -22.53 8.91
C THR A 337 14.11 -22.48 8.63
N SER A 338 14.48 -21.62 7.67
CA SER A 338 15.86 -21.26 7.46
C SER A 338 16.31 -20.24 8.52
N SER A 339 16.67 -20.76 9.70
CA SER A 339 17.10 -19.98 10.85
C SER A 339 18.38 -20.57 11.44
N ASP A 340 19.13 -19.77 12.22
CA ASP A 340 20.34 -20.24 12.86
C ASP A 340 20.01 -21.07 14.09
N VAL A 341 18.96 -20.65 14.82
CA VAL A 341 18.47 -21.37 16.01
C VAL A 341 16.94 -21.26 16.08
N GLU A 342 16.31 -22.24 16.72
CA GLU A 342 14.87 -22.26 16.88
C GLU A 342 14.51 -22.76 18.29
N PHE A 343 13.34 -22.33 18.79
CA PHE A 343 12.88 -22.71 20.12
C PHE A 343 11.40 -23.07 20.10
N ASN A 344 11.01 -23.99 20.99
CA ASN A 344 9.62 -24.18 21.38
C ASN A 344 9.36 -23.41 22.68
N CYS A 345 8.22 -22.72 22.79
CA CYS A 345 7.82 -22.11 24.06
C CYS A 345 6.31 -21.97 24.15
N THR A 346 5.81 -21.47 25.30
CA THR A 346 4.41 -21.07 25.44
C THR A 346 4.37 -19.56 25.73
N ALA A 347 3.25 -18.88 25.56
CA ALA A 347 3.22 -17.42 25.64
C ALA A 347 3.64 -16.87 27.01
N ASP A 348 3.61 -17.67 28.09
CA ASP A 348 4.10 -17.25 29.40
C ASP A 348 5.64 -17.26 29.49
N ASN A 349 6.33 -17.89 28.53
CA ASN A 349 7.78 -17.80 28.39
C ASN A 349 8.23 -16.52 27.69
N LEU A 350 7.29 -15.65 27.28
CA LEU A 350 7.62 -14.46 26.52
C LEU A 350 7.22 -13.22 27.29
N ALA A 351 7.99 -12.15 27.07
CA ALA A 351 7.63 -10.82 27.54
C ALA A 351 8.18 -9.81 26.55
N ILE A 352 7.58 -8.63 26.49
CA ILE A 352 8.16 -7.56 25.71
C ILE A 352 9.39 -7.01 26.42
N GLU A 353 10.46 -6.80 25.64
CA GLU A 353 11.64 -6.12 26.13
C GLU A 353 11.45 -4.62 25.92
N GLY A 354 10.95 -3.93 26.96
CA GLY A 354 10.84 -2.48 26.95
C GLY A 354 12.21 -1.80 26.95
N GLY A 355 12.29 -0.62 26.32
CA GLY A 355 13.53 0.14 26.28
C GLY A 355 14.42 -0.18 25.08
N MET A 356 14.06 -1.21 24.29
CA MET A 356 14.74 -1.49 23.02
C MET A 356 13.81 -1.06 21.86
N SER A 357 14.36 -0.25 20.95
CA SER A 357 13.61 0.30 19.82
C SER A 357 14.43 0.38 18.53
N ASP A 358 15.76 0.20 18.62
CA ASP A 358 16.62 0.11 17.46
C ASP A 358 16.29 -1.16 16.66
N LEU A 359 16.25 -1.04 15.33
CA LEU A 359 15.99 -2.18 14.45
C LEU A 359 17.26 -3.01 14.37
N PRO A 360 17.20 -4.37 14.42
CA PRO A 360 18.40 -5.19 14.27
C PRO A 360 18.86 -5.21 12.81
N ALA A 361 19.97 -5.92 12.55
CA ALA A 361 20.62 -6.01 11.26
C ALA A 361 19.86 -6.81 10.20
N TYR A 362 18.57 -6.51 9.96
CA TYR A 362 17.83 -7.14 8.89
C TYR A 362 18.47 -6.80 7.55
N LYS A 363 18.31 -7.69 6.56
CA LYS A 363 18.85 -7.43 5.24
C LYS A 363 17.70 -7.13 4.28
N LEU A 364 17.91 -6.13 3.44
CA LEU A 364 16.99 -5.75 2.38
C LEU A 364 17.57 -6.22 1.05
N MET A 365 16.77 -6.90 0.23
CA MET A 365 17.15 -7.16 -1.14
C MET A 365 16.34 -6.25 -2.06
N CYS A 366 17.03 -5.45 -2.87
CA CYS A 366 16.39 -4.67 -3.89
C CYS A 366 16.69 -5.35 -5.23
N PHE A 367 15.65 -5.67 -6.02
CA PHE A 367 15.91 -6.43 -7.24
C PHE A 367 15.08 -5.94 -8.40
N ASP A 368 15.57 -6.25 -9.61
CA ASP A 368 14.95 -5.81 -10.85
C ASP A 368 15.31 -6.81 -11.94
N ILE A 369 14.33 -7.24 -12.74
CA ILE A 369 14.59 -8.16 -13.85
C ILE A 369 14.55 -7.44 -15.19
N GLU A 370 15.42 -7.86 -16.11
CA GLU A 370 15.31 -7.53 -17.53
C GLU A 370 14.87 -8.77 -18.30
N CYS A 371 13.93 -8.55 -19.25
CA CYS A 371 13.40 -9.61 -20.09
C CYS A 371 13.56 -9.26 -21.56
N LYS A 372 13.70 -10.32 -22.39
CA LYS A 372 13.83 -10.20 -23.83
C LYS A 372 12.74 -11.06 -24.49
N ALA A 373 11.86 -10.45 -25.29
CA ALA A 373 10.86 -11.17 -26.05
C ALA A 373 11.52 -11.95 -27.20
N GLY A 374 11.19 -13.23 -27.35
CA GLY A 374 11.87 -14.12 -28.26
C GLY A 374 11.00 -14.64 -29.40
N GLY A 375 9.77 -14.14 -29.51
CA GLY A 375 8.83 -14.61 -30.52
C GLY A 375 9.03 -13.97 -31.90
N GLU A 376 7.92 -13.88 -32.65
CA GLU A 376 7.89 -13.34 -34.00
C GLU A 376 8.23 -11.84 -34.02
N ASP A 377 7.87 -11.11 -32.94
CA ASP A 377 8.27 -9.73 -32.73
C ASP A 377 9.18 -9.63 -31.52
N GLU A 378 10.43 -9.18 -31.76
CA GLU A 378 11.47 -9.03 -30.75
C GLU A 378 11.21 -7.84 -29.82
N LEU A 379 10.25 -6.97 -30.18
CA LEU A 379 10.02 -5.69 -29.50
C LEU A 379 8.65 -5.65 -28.81
N ALA A 380 7.85 -6.73 -28.89
CA ALA A 380 6.61 -6.86 -28.15
C ALA A 380 6.89 -7.03 -26.65
N PHE A 381 5.89 -6.72 -25.81
CA PHE A 381 6.00 -6.92 -24.37
C PHE A 381 6.08 -8.41 -24.05
N PRO A 382 7.06 -8.89 -23.24
CA PRO A 382 7.27 -10.34 -23.05
C PRO A 382 6.20 -10.98 -22.17
N VAL A 383 5.85 -12.23 -22.48
CA VAL A 383 4.79 -12.97 -21.80
C VAL A 383 5.38 -14.23 -21.16
N ALA A 384 5.20 -14.40 -19.84
CA ALA A 384 5.93 -15.43 -19.12
C ALA A 384 5.57 -16.85 -19.57
N GLY A 385 4.35 -17.07 -20.07
CA GLY A 385 3.91 -18.40 -20.50
C GLY A 385 4.43 -18.82 -21.87
N HIS A 386 5.02 -17.88 -22.63
CA HIS A 386 5.71 -18.20 -23.89
C HIS A 386 7.13 -18.62 -23.59
N PRO A 387 7.55 -19.90 -23.77
CA PRO A 387 8.85 -20.37 -23.30
C PRO A 387 10.04 -19.53 -23.76
N GLU A 388 9.94 -18.96 -24.97
CA GLU A 388 11.03 -18.23 -25.62
C GLU A 388 11.14 -16.76 -25.18
N ASP A 389 10.17 -16.20 -24.45
CA ASP A 389 10.33 -14.85 -23.90
C ASP A 389 11.06 -14.96 -22.57
N LEU A 390 12.35 -14.58 -22.51
CA LEU A 390 13.21 -14.98 -21.39
C LEU A 390 13.45 -13.84 -20.41
N VAL A 391 13.66 -14.20 -19.13
CA VAL A 391 14.45 -13.36 -18.24
C VAL A 391 15.89 -13.42 -18.73
N ILE A 392 16.53 -12.26 -18.96
CA ILE A 392 17.91 -12.25 -19.44
C ILE A 392 18.89 -11.75 -18.38
N GLN A 393 18.50 -10.81 -17.51
CA GLN A 393 19.36 -10.41 -16.39
C GLN A 393 18.54 -10.07 -15.15
N ILE A 394 19.13 -10.23 -13.98
CA ILE A 394 18.52 -9.80 -12.72
C ILE A 394 19.58 -9.04 -11.93
N SER A 395 19.34 -7.78 -11.61
CA SER A 395 20.17 -7.08 -10.64
C SER A 395 19.59 -7.36 -9.26
N CYS A 396 20.50 -7.60 -8.31
CA CYS A 396 20.11 -7.95 -6.96
C CYS A 396 21.08 -7.28 -5.98
N LEU A 397 20.59 -6.23 -5.30
CA LEU A 397 21.42 -5.45 -4.40
C LEU A 397 21.03 -5.78 -2.97
N LEU A 398 22.01 -6.08 -2.12
CA LEU A 398 21.73 -6.47 -0.75
C LEU A 398 22.25 -5.39 0.19
N TYR A 399 21.34 -4.84 0.99
CA TYR A 399 21.64 -3.80 1.95
C TYR A 399 21.45 -4.28 3.38
N ASP A 400 22.18 -3.68 4.31
CA ASP A 400 21.84 -3.79 5.72
C ASP A 400 20.79 -2.74 6.05
N LEU A 401 19.62 -3.18 6.52
CA LEU A 401 18.49 -2.30 6.77
C LEU A 401 18.71 -1.43 8.02
N SER A 402 19.63 -1.83 8.90
CA SER A 402 19.90 -1.11 10.14
C SER A 402 20.93 0.00 9.94
N THR A 403 21.99 -0.25 9.14
CA THR A 403 23.00 0.77 8.85
C THR A 403 22.77 1.52 7.53
N THR A 404 21.84 1.03 6.69
CA THR A 404 21.54 1.50 5.35
C THR A 404 22.68 1.29 4.32
N ALA A 405 23.74 0.59 4.71
CA ALA A 405 24.89 0.35 3.84
C ALA A 405 24.57 -0.73 2.80
N LEU A 406 24.91 -0.46 1.54
CA LEU A 406 24.91 -1.46 0.49
C LEU A 406 26.06 -2.43 0.74
N GLU A 407 25.76 -3.73 0.87
CA GLU A 407 26.75 -4.72 1.25
C GLU A 407 27.21 -5.54 0.04
N HIS A 408 26.29 -5.81 -0.92
CA HIS A 408 26.58 -6.60 -2.11
C HIS A 408 25.83 -6.10 -3.33
N VAL A 409 26.50 -6.21 -4.48
CA VAL A 409 25.88 -5.97 -5.78
C VAL A 409 26.06 -7.24 -6.59
N LEU A 410 24.95 -7.93 -6.88
CA LEU A 410 24.97 -9.14 -7.70
C LEU A 410 24.22 -8.86 -9.02
N LEU A 411 24.81 -9.28 -10.16
CA LEU A 411 24.10 -9.26 -11.42
C LEU A 411 24.08 -10.66 -12.00
N PHE A 412 22.87 -11.23 -12.09
CA PHE A 412 22.65 -12.51 -12.72
C PHE A 412 22.51 -12.25 -14.20
N SER A 413 23.25 -12.98 -15.04
CA SER A 413 23.21 -12.74 -16.47
C SER A 413 23.08 -14.06 -17.22
N LEU A 414 22.06 -14.16 -18.07
CA LEU A 414 21.99 -15.23 -19.07
C LEU A 414 22.92 -14.87 -20.22
N GLY A 415 23.95 -15.69 -20.42
CA GLY A 415 25.04 -15.36 -21.32
C GLY A 415 26.15 -14.57 -20.62
N SER A 416 27.38 -14.67 -21.15
CA SER A 416 28.52 -13.87 -20.70
C SER A 416 28.23 -12.38 -20.72
N CYS A 417 28.83 -11.66 -19.78
CA CYS A 417 28.53 -10.25 -19.56
C CYS A 417 29.74 -9.59 -18.92
N ASP A 418 30.28 -8.56 -19.59
CA ASP A 418 31.44 -7.82 -19.12
C ASP A 418 31.03 -6.40 -18.77
N LEU A 419 30.94 -6.07 -17.47
CA LEU A 419 30.53 -4.73 -17.07
C LEU A 419 31.60 -3.72 -17.48
N PRO A 420 31.19 -2.52 -18.00
CA PRO A 420 32.12 -1.49 -18.45
C PRO A 420 33.03 -0.94 -17.36
N GLU A 421 34.29 -0.63 -17.70
CA GLU A 421 35.20 0.06 -16.79
C GLU A 421 34.56 1.33 -16.21
N SER A 422 33.89 2.12 -17.05
CA SER A 422 33.19 3.33 -16.65
C SER A 422 32.31 3.09 -15.43
N HIS A 423 31.53 1.99 -15.47
CA HIS A 423 30.59 1.65 -14.42
C HIS A 423 31.33 1.21 -13.15
N LEU A 424 32.31 0.32 -13.32
CA LEU A 424 33.08 -0.20 -12.19
C LEU A 424 33.87 0.89 -11.49
N ASN A 425 34.42 1.84 -12.25
CA ASN A 425 35.09 3.04 -11.74
C ASN A 425 34.13 3.95 -10.98
N GLU A 426 32.91 4.17 -11.51
CA GLU A 426 31.91 4.99 -10.84
C GLU A 426 31.49 4.40 -9.49
N LEU A 427 31.25 3.08 -9.44
CA LEU A 427 30.86 2.42 -8.19
C LEU A 427 31.98 2.51 -7.16
N ALA A 428 33.23 2.26 -7.58
CA ALA A 428 34.38 2.34 -6.70
C ALA A 428 34.53 3.77 -6.15
N ALA A 429 34.35 4.78 -7.02
CA ALA A 429 34.43 6.19 -6.64
C ALA A 429 33.38 6.56 -5.59
N ARG A 430 32.15 6.04 -5.76
CA ARG A 430 31.05 6.26 -4.83
C ARG A 430 31.17 5.43 -3.54
N GLY A 431 32.21 4.58 -3.42
CA GLY A 431 32.44 3.80 -2.22
C GLY A 431 31.60 2.53 -2.14
N LEU A 432 30.92 2.15 -3.24
CA LEU A 432 30.01 1.02 -3.26
C LEU A 432 30.78 -0.28 -3.54
N PRO A 433 30.23 -1.48 -3.23
CA PRO A 433 30.94 -2.74 -3.47
C PRO A 433 31.14 -3.03 -4.96
N THR A 434 32.23 -3.73 -5.30
CA THR A 434 32.46 -4.14 -6.67
C THR A 434 31.44 -5.22 -7.06
N PRO A 435 30.64 -5.05 -8.16
CA PRO A 435 29.66 -6.05 -8.56
C PRO A 435 30.26 -7.42 -8.80
N VAL A 436 29.51 -8.44 -8.38
CA VAL A 436 29.75 -9.80 -8.80
C VAL A 436 28.81 -10.11 -9.95
N VAL A 437 29.37 -10.47 -11.11
CA VAL A 437 28.56 -10.90 -12.24
C VAL A 437 28.55 -12.42 -12.24
N LEU A 438 27.33 -12.97 -12.26
CA LEU A 438 27.09 -14.39 -12.26
C LEU A 438 26.55 -14.73 -13.63
N GLU A 439 27.23 -15.62 -14.36
CA GLU A 439 26.85 -15.93 -15.73
C GLU A 439 26.23 -17.33 -15.80
N PHE A 440 25.18 -17.46 -16.61
CA PHE A 440 24.41 -18.69 -16.77
C PHE A 440 24.27 -19.03 -18.24
N ASP A 441 24.26 -20.34 -18.56
CA ASP A 441 24.10 -20.78 -19.94
C ASP A 441 22.62 -20.80 -20.35
N SER A 442 21.68 -20.89 -19.38
CA SER A 442 20.25 -21.00 -19.67
C SER A 442 19.40 -20.23 -18.66
N GLU A 443 18.15 -19.96 -19.01
CA GLU A 443 17.25 -19.21 -18.15
C GLU A 443 16.92 -19.97 -16.85
N PHE A 444 16.75 -21.29 -16.90
CA PHE A 444 16.46 -22.05 -15.69
C PHE A 444 17.59 -21.93 -14.67
N GLU A 445 18.83 -22.08 -15.12
CA GLU A 445 19.96 -21.98 -14.21
C GLU A 445 20.00 -20.64 -13.50
N MET A 446 19.67 -19.59 -14.24
CA MET A 446 19.61 -18.27 -13.67
C MET A 446 18.50 -18.14 -12.64
N LEU A 447 17.27 -18.58 -12.98
CA LEU A 447 16.16 -18.41 -12.06
C LEU A 447 16.35 -19.27 -10.81
N LEU A 448 16.87 -20.46 -10.97
CA LEU A 448 17.19 -21.28 -9.84
C LEU A 448 18.27 -20.63 -8.97
N ALA A 449 19.30 -20.02 -9.56
CA ALA A 449 20.34 -19.34 -8.79
C ALA A 449 19.78 -18.12 -8.04
N PHE A 450 18.89 -17.33 -8.64
CA PHE A 450 18.27 -16.25 -7.93
C PHE A 450 17.41 -16.75 -6.77
N MET A 451 16.63 -17.80 -6.98
CA MET A 451 15.79 -18.34 -5.94
C MET A 451 16.66 -19.03 -4.87
N THR A 452 17.79 -19.61 -5.26
CA THR A 452 18.76 -20.17 -4.32
C THR A 452 19.31 -19.09 -3.43
N LEU A 453 19.69 -17.94 -3.99
CA LEU A 453 20.08 -16.79 -3.20
C LEU A 453 18.94 -16.40 -2.26
N VAL A 454 17.72 -16.22 -2.75
CA VAL A 454 16.59 -15.82 -1.92
C VAL A 454 16.40 -16.78 -0.73
N LYS A 455 16.50 -18.09 -0.92
CA LYS A 455 16.42 -19.03 0.19
C LYS A 455 17.65 -18.97 1.11
N GLN A 456 18.88 -18.86 0.56
CA GLN A 456 20.09 -18.94 1.35
C GLN A 456 20.38 -17.64 2.10
N TYR A 457 20.22 -16.49 1.46
CA TYR A 457 20.47 -15.22 2.10
C TYR A 457 19.26 -14.78 2.91
N GLY A 458 18.07 -15.22 2.50
CA GLY A 458 16.83 -15.02 3.21
C GLY A 458 16.55 -13.57 3.58
N PRO A 459 16.54 -12.61 2.62
CA PRO A 459 16.36 -11.21 2.97
C PRO A 459 15.00 -11.01 3.62
N GLU A 460 14.98 -10.40 4.81
CA GLU A 460 13.75 -10.25 5.56
C GLU A 460 12.82 -9.27 4.85
N PHE A 461 13.40 -8.30 4.16
CA PHE A 461 12.66 -7.31 3.40
C PHE A 461 13.11 -7.38 1.94
N VAL A 462 12.16 -7.20 1.01
CA VAL A 462 12.45 -7.21 -0.41
C VAL A 462 11.77 -6.01 -1.02
N THR A 463 12.47 -5.36 -1.94
CA THR A 463 11.94 -4.19 -2.59
C THR A 463 12.39 -4.12 -4.05
N GLY A 464 11.81 -3.15 -4.73
CA GLY A 464 12.01 -3.00 -6.14
C GLY A 464 10.95 -2.05 -6.65
N TYR A 465 10.90 -1.88 -7.96
CA TYR A 465 9.93 -1.01 -8.58
C TYR A 465 9.06 -1.84 -9.52
N ASN A 466 7.75 -1.85 -9.25
CA ASN A 466 6.80 -2.73 -9.93
C ASN A 466 7.16 -4.21 -9.77
N ILE A 467 7.84 -4.58 -8.68
CA ILE A 467 8.12 -5.98 -8.41
C ILE A 467 6.85 -6.78 -8.17
N ILE A 468 5.79 -6.20 -7.60
CA ILE A 468 4.56 -6.98 -7.38
C ILE A 468 3.78 -7.11 -8.68
N ASN A 469 3.84 -6.10 -9.55
CA ASN A 469 3.03 -6.06 -10.76
C ASN A 469 3.73 -6.78 -11.93
N PHE A 470 5.06 -6.85 -11.94
CA PHE A 470 5.77 -7.48 -13.04
C PHE A 470 6.81 -8.50 -12.57
N ASP A 471 7.82 -8.09 -11.78
CA ASP A 471 9.02 -8.91 -11.65
C ASP A 471 8.73 -10.24 -10.96
N TRP A 472 8.06 -10.20 -9.80
CA TRP A 472 7.65 -11.44 -9.14
C TRP A 472 6.66 -12.23 -10.00
N PRO A 473 5.52 -11.69 -10.49
CA PRO A 473 4.64 -12.46 -11.36
C PRO A 473 5.36 -13.12 -12.54
N PHE A 474 6.28 -12.42 -13.23
CA PHE A 474 7.00 -13.00 -14.36
C PHE A 474 7.93 -14.12 -13.92
N LEU A 475 8.73 -13.92 -12.86
CA LEU A 475 9.61 -14.96 -12.32
C LEU A 475 8.82 -16.19 -11.89
N LEU A 476 7.75 -15.98 -11.12
CA LEU A 476 7.04 -17.08 -10.50
C LEU A 476 6.17 -17.81 -11.52
N ALA A 477 5.67 -17.12 -12.54
CA ALA A 477 5.06 -17.74 -13.71
C ALA A 477 6.09 -18.63 -14.41
N LYS A 478 7.28 -18.12 -14.73
CA LYS A 478 8.32 -18.91 -15.35
C LYS A 478 8.66 -20.14 -14.51
N LEU A 479 8.83 -19.96 -13.19
CA LEU A 479 9.23 -21.05 -12.31
C LEU A 479 8.15 -22.11 -12.08
N THR A 480 6.86 -21.75 -12.22
CA THR A 480 5.77 -22.69 -11.95
C THR A 480 5.18 -23.29 -13.22
N ASP A 481 5.19 -22.53 -14.33
CA ASP A 481 4.53 -22.91 -15.57
C ASP A 481 5.50 -23.50 -16.60
N ILE A 482 6.64 -22.83 -16.82
CA ILE A 482 7.60 -23.24 -17.83
C ILE A 482 8.48 -24.34 -17.24
N TYR A 483 9.10 -23.98 -16.12
CA TYR A 483 9.73 -24.94 -15.20
C TYR A 483 8.64 -25.29 -14.19
N LYS A 484 8.86 -26.35 -13.40
CA LYS A 484 7.80 -26.84 -12.54
C LYS A 484 8.30 -26.95 -11.11
N VAL A 485 8.91 -25.84 -10.63
CA VAL A 485 9.56 -25.78 -9.34
C VAL A 485 8.51 -25.48 -8.27
N PRO A 486 8.43 -26.28 -7.17
CA PRO A 486 7.56 -25.96 -6.05
C PRO A 486 8.12 -24.80 -5.21
N LEU A 487 7.37 -23.70 -5.19
CA LEU A 487 7.78 -22.49 -4.52
C LEU A 487 7.59 -22.55 -2.99
N ASP A 488 6.89 -23.54 -2.44
CA ASP A 488 6.46 -23.49 -1.05
C ASP A 488 7.62 -23.67 -0.04
N GLY A 489 8.83 -24.03 -0.51
CA GLY A 489 10.03 -24.10 0.32
C GLY A 489 10.94 -22.87 0.19
N TYR A 490 10.64 -21.90 -0.69
CA TYR A 490 11.54 -20.81 -0.99
C TYR A 490 11.33 -19.60 -0.08
N GLY A 491 10.31 -19.62 0.77
CA GLY A 491 10.21 -18.59 1.80
C GLY A 491 11.07 -18.95 3.02
N ARG A 492 10.70 -18.37 4.16
CA ARG A 492 11.38 -18.65 5.42
C ARG A 492 11.15 -20.07 5.87
N MET A 493 9.98 -20.66 5.63
CA MET A 493 9.74 -22.06 5.97
C MET A 493 10.40 -22.98 4.95
N ASN A 494 10.81 -24.18 5.41
CA ASN A 494 11.57 -25.11 4.58
C ASN A 494 10.69 -25.92 3.65
N GLY A 495 9.37 -25.98 3.91
CA GLY A 495 8.37 -26.44 2.95
C GLY A 495 6.98 -26.04 3.44
N ARG A 496 5.98 -26.16 2.54
CA ARG A 496 4.56 -25.97 2.84
C ARG A 496 4.27 -24.54 3.29
N GLY A 497 5.16 -23.60 2.99
CA GLY A 497 4.87 -22.21 3.29
C GLY A 497 4.09 -21.55 2.16
N VAL A 498 3.51 -20.40 2.47
CA VAL A 498 2.87 -19.59 1.44
C VAL A 498 3.95 -18.98 0.59
N PHE A 499 3.80 -19.09 -0.73
CA PHE A 499 4.60 -18.35 -1.70
C PHE A 499 3.73 -18.12 -2.93
N ARG A 500 2.95 -17.03 -2.96
CA ARG A 500 1.94 -16.88 -3.98
C ARG A 500 1.74 -15.42 -4.39
N VAL A 501 1.39 -15.27 -5.66
CA VAL A 501 0.97 -14.00 -6.24
C VAL A 501 -0.47 -14.16 -6.75
N TRP A 502 -1.26 -13.09 -6.65
CA TRP A 502 -2.58 -13.08 -7.28
C TRP A 502 -2.96 -11.69 -7.79
N ASP A 503 -3.79 -11.70 -8.84
CA ASP A 503 -4.31 -10.51 -9.51
C ASP A 503 -5.35 -9.84 -8.60
N ILE A 504 -5.36 -8.49 -8.52
CA ILE A 504 -6.28 -7.77 -7.65
C ILE A 504 -7.74 -7.97 -8.11
N GLY A 505 -8.00 -7.85 -9.42
CA GLY A 505 -9.36 -7.98 -9.93
C GLY A 505 -9.55 -7.34 -11.30
N GLN A 506 -10.79 -6.92 -11.62
CA GLN A 506 -11.15 -6.36 -12.92
C GLN A 506 -10.55 -4.95 -13.12
N SER A 507 -9.27 -4.90 -13.51
CA SER A 507 -8.50 -3.69 -13.70
C SER A 507 -7.53 -3.92 -14.86
N HIS A 508 -7.90 -3.47 -16.06
CA HIS A 508 -7.40 -4.06 -17.30
C HIS A 508 -6.12 -3.40 -17.78
N PHE A 509 -6.09 -2.05 -17.83
CA PHE A 509 -4.88 -1.31 -18.14
C PHE A 509 -3.92 -1.35 -16.94
N GLN A 510 -4.38 -0.86 -15.79
CA GLN A 510 -3.62 -0.96 -14.55
C GLN A 510 -3.70 -2.40 -14.03
N LYS A 511 -2.85 -3.28 -14.58
CA LYS A 511 -2.65 -4.60 -13.99
C LYS A 511 -1.99 -4.38 -12.63
N ARG A 512 -2.69 -4.82 -11.56
CA ARG A 512 -2.20 -4.68 -10.20
C ARG A 512 -2.36 -6.03 -9.48
N SER A 513 -1.45 -6.28 -8.53
CA SER A 513 -1.33 -7.60 -7.95
C SER A 513 -0.87 -7.51 -6.48
N LYS A 514 -1.04 -8.61 -5.73
CA LYS A 514 -0.55 -8.78 -4.38
C LYS A 514 0.35 -10.01 -4.29
N ILE A 515 1.27 -10.02 -3.32
CA ILE A 515 2.14 -11.17 -3.08
C ILE A 515 2.19 -11.49 -1.59
N LYS A 516 2.19 -12.77 -1.23
CA LYS A 516 2.57 -13.18 0.10
C LYS A 516 3.60 -14.28 0.01
N VAL A 517 4.73 -14.05 0.70
CA VAL A 517 5.77 -15.06 0.88
C VAL A 517 6.02 -15.19 2.37
N ASN A 518 6.01 -16.40 2.92
CA ASN A 518 6.22 -16.57 4.35
C ASN A 518 7.57 -15.97 4.75
N GLY A 519 7.56 -15.02 5.69
CA GLY A 519 8.76 -14.53 6.31
C GLY A 519 9.53 -13.53 5.45
N MET A 520 8.89 -12.97 4.43
CA MET A 520 9.57 -12.00 3.56
C MET A 520 8.61 -10.85 3.30
N VAL A 521 8.99 -9.66 3.76
CA VAL A 521 8.17 -8.47 3.62
C VAL A 521 8.47 -7.82 2.27
N ASN A 522 7.57 -7.98 1.31
CA ASN A 522 7.68 -7.35 0.02
C ASN A 522 7.10 -5.92 0.03
N ILE A 523 7.97 -4.92 -0.15
CA ILE A 523 7.55 -3.53 -0.24
C ILE A 523 7.89 -3.02 -1.64
N ASP A 524 6.90 -2.63 -2.44
CA ASP A 524 7.18 -2.15 -3.78
C ASP A 524 7.18 -0.62 -3.77
N MET A 525 8.28 -0.03 -4.23
CA MET A 525 8.45 1.41 -4.16
C MET A 525 7.51 2.14 -5.12
N TYR A 526 7.01 1.48 -6.16
CA TYR A 526 5.98 2.05 -7.01
C TYR A 526 4.74 2.37 -6.17
N GLY A 527 4.31 1.40 -5.36
CA GLY A 527 3.21 1.58 -4.43
C GLY A 527 3.44 2.69 -3.42
N ILE A 528 4.62 2.70 -2.78
CA ILE A 528 4.99 3.71 -1.79
C ILE A 528 4.94 5.10 -2.42
N ILE A 529 5.54 5.27 -3.60
CA ILE A 529 5.72 6.60 -4.18
C ILE A 529 4.42 7.11 -4.80
N THR A 530 3.64 6.26 -5.48
CA THR A 530 2.32 6.67 -5.95
C THR A 530 1.41 7.06 -4.80
N ASP A 531 1.57 6.42 -3.62
CA ASP A 531 0.80 6.78 -2.43
C ASP A 531 1.30 8.06 -1.75
N LYS A 532 2.41 8.68 -2.21
CA LYS A 532 2.99 9.81 -1.48
C LYS A 532 3.24 11.06 -2.34
N ILE A 533 3.88 10.90 -3.50
CA ILE A 533 4.38 12.03 -4.28
C ILE A 533 3.48 12.21 -5.51
N LYS A 534 2.95 13.42 -5.70
CA LYS A 534 2.13 13.72 -6.86
C LYS A 534 3.02 14.04 -8.06
N LEU A 535 2.99 13.19 -9.09
CA LEU A 535 3.86 13.30 -10.27
C LEU A 535 3.09 13.05 -11.57
N SER A 536 3.57 13.66 -12.67
CA SER A 536 2.99 13.52 -14.00
C SER A 536 3.16 12.10 -14.54
N SER A 537 4.34 11.52 -14.28
CA SER A 537 4.72 10.18 -14.70
C SER A 537 5.41 9.47 -13.53
N TYR A 538 5.11 8.18 -13.36
CA TYR A 538 5.74 7.37 -12.33
C TYR A 538 6.73 6.36 -12.92
N LYS A 539 7.22 6.61 -14.15
CA LYS A 539 8.41 5.92 -14.62
C LYS A 539 9.55 6.15 -13.63
N LEU A 540 10.39 5.12 -13.40
CA LEU A 540 11.44 5.21 -12.39
C LEU A 540 12.40 6.36 -12.68
N ASN A 541 12.72 6.63 -13.95
CA ASN A 541 13.59 7.75 -14.28
C ASN A 541 12.94 9.11 -13.96
N ALA A 542 11.66 9.29 -14.29
CA ALA A 542 10.92 10.48 -13.91
C ALA A 542 10.91 10.69 -12.38
N VAL A 543 10.77 9.59 -11.62
CA VAL A 543 10.78 9.63 -10.17
C VAL A 543 12.16 10.00 -9.67
N ALA A 544 13.22 9.45 -10.28
CA ALA A 544 14.59 9.76 -9.87
C ALA A 544 14.91 11.24 -10.09
N GLU A 545 14.49 11.81 -11.24
CA GLU A 545 14.63 13.24 -11.50
C GLU A 545 13.79 14.10 -10.55
N ALA A 546 12.62 13.62 -10.10
CA ALA A 546 11.73 14.35 -9.21
C ALA A 546 12.20 14.31 -7.74
N VAL A 547 12.53 13.11 -7.24
CA VAL A 547 12.75 12.85 -5.82
C VAL A 547 14.23 12.95 -5.45
N LEU A 548 15.11 12.33 -6.24
CA LEU A 548 16.54 12.31 -5.95
C LEU A 548 17.28 13.44 -6.68
N LYS A 549 16.57 14.21 -7.53
CA LYS A 549 17.12 15.28 -8.38
C LYS A 549 18.26 14.75 -9.27
N ASP A 550 18.15 13.47 -9.68
CA ASP A 550 19.30 12.73 -10.18
C ASP A 550 19.07 12.25 -11.62
N LYS A 551 19.89 12.75 -12.56
CA LYS A 551 19.73 12.46 -13.98
C LYS A 551 20.53 11.23 -14.38
N LYS A 552 19.96 10.03 -14.13
CA LYS A 552 20.60 8.76 -14.49
C LYS A 552 20.32 8.39 -15.96
N LYS A 553 21.02 7.36 -16.45
CA LYS A 553 21.02 6.99 -17.86
C LYS A 553 19.75 6.20 -18.22
N ASP A 554 19.47 6.16 -19.53
CA ASP A 554 18.41 5.34 -20.11
C ASP A 554 18.99 4.36 -21.12
N LEU A 555 18.42 3.14 -21.12
CA LEU A 555 18.49 2.22 -22.24
C LEU A 555 17.05 1.76 -22.51
N SER A 556 16.59 1.87 -23.77
CA SER A 556 15.22 1.53 -24.10
C SER A 556 15.03 0.02 -24.14
N TYR A 557 13.82 -0.45 -23.80
CA TYR A 557 13.42 -1.83 -24.07
C TYR A 557 13.57 -2.18 -25.56
N ARG A 558 13.54 -1.17 -26.44
CA ARG A 558 13.75 -1.32 -27.88
C ARG A 558 15.22 -1.58 -28.22
N ASP A 559 16.15 -1.11 -27.36
CA ASP A 559 17.59 -1.27 -27.54
C ASP A 559 18.05 -2.64 -27.08
N ILE A 560 17.42 -3.16 -26.01
CA ILE A 560 17.83 -4.39 -25.34
C ILE A 560 18.09 -5.54 -26.31
N PRO A 561 17.20 -5.94 -27.25
CA PRO A 561 17.52 -7.06 -28.15
C PRO A 561 18.71 -6.81 -29.07
N ALA A 562 18.93 -5.55 -29.48
CA ALA A 562 20.07 -5.19 -30.32
C ALA A 562 21.38 -5.24 -29.54
N TYR A 563 21.36 -4.82 -28.26
CA TYR A 563 22.51 -4.93 -27.38
C TYR A 563 22.81 -6.38 -27.03
N TYR A 564 21.77 -7.13 -26.67
CA TYR A 564 21.92 -8.50 -26.19
C TYR A 564 22.62 -9.40 -27.22
N ALA A 565 22.29 -9.20 -28.50
CA ALA A 565 22.77 -9.99 -29.63
C ALA A 565 24.23 -9.69 -30.03
N ALA A 566 24.79 -8.57 -29.57
CA ALA A 566 26.06 -8.08 -30.09
C ALA A 566 27.26 -8.77 -29.46
N GLY A 567 27.21 -9.04 -28.14
CA GLY A 567 28.31 -9.73 -27.47
C GLY A 567 28.38 -9.40 -25.98
N PRO A 568 29.39 -9.92 -25.26
CA PRO A 568 29.50 -9.77 -23.81
C PRO A 568 29.63 -8.33 -23.32
N ALA A 569 30.31 -7.47 -24.10
CA ALA A 569 30.47 -6.05 -23.74
C ALA A 569 29.13 -5.33 -23.78
N GLN A 570 28.33 -5.58 -24.83
CA GLN A 570 27.02 -4.93 -24.96
C GLN A 570 26.03 -5.50 -23.95
N ARG A 571 26.07 -6.81 -23.66
CA ARG A 571 25.32 -7.37 -22.54
C ARG A 571 25.75 -6.76 -21.21
N GLY A 572 27.01 -6.31 -21.12
CA GLY A 572 27.51 -5.48 -20.02
C GLY A 572 26.83 -4.12 -19.89
N VAL A 573 26.48 -3.48 -21.00
CA VAL A 573 25.78 -2.21 -20.96
C VAL A 573 24.37 -2.43 -20.41
N ILE A 574 23.75 -3.56 -20.75
CA ILE A 574 22.47 -3.95 -20.15
C ILE A 574 22.64 -4.15 -18.64
N GLY A 575 23.75 -4.80 -18.23
CA GLY A 575 24.10 -4.96 -16.83
C GLY A 575 24.24 -3.63 -16.08
N GLU A 576 25.04 -2.71 -16.61
CA GLU A 576 25.20 -1.35 -16.06
C GLU A 576 23.85 -0.69 -15.84
N TYR A 577 23.01 -0.76 -16.86
N TYR A 577 23.00 -0.67 -16.87
CA TYR A 577 21.77 -0.06 -16.77
CA TYR A 577 21.66 -0.10 -16.82
C TYR A 577 20.84 -0.71 -15.74
C TYR A 577 20.81 -0.75 -15.73
N CYS A 578 20.94 -2.05 -15.57
N CYS A 578 20.87 -2.08 -15.63
CA CYS A 578 20.09 -2.84 -14.67
C CYS A 578 20.53 -2.57 -13.22
N ILE A 579 21.83 -2.60 -12.96
CA ILE A 579 22.41 -2.25 -11.66
C ILE A 579 22.00 -0.85 -11.23
N GLN A 580 22.15 0.11 -12.14
CA GLN A 580 21.90 1.51 -11.87
C GLN A 580 20.44 1.73 -11.46
N ASP A 581 19.49 1.05 -12.10
CA ASP A 581 18.08 1.16 -11.71
C ASP A 581 17.85 0.60 -10.30
N SER A 582 18.45 -0.55 -9.95
CA SER A 582 18.34 -1.05 -8.58
C SER A 582 18.96 -0.11 -7.56
N LEU A 583 20.03 0.62 -7.92
CA LEU A 583 20.63 1.62 -7.02
C LEU A 583 19.65 2.78 -6.81
N LEU A 584 19.02 3.30 -7.87
CA LEU A 584 18.01 4.34 -7.73
C LEU A 584 16.91 3.89 -6.77
N VAL A 585 16.42 2.66 -6.92
CA VAL A 585 15.34 2.18 -6.08
C VAL A 585 15.80 1.99 -4.64
N GLY A 586 17.03 1.55 -4.40
CA GLY A 586 17.56 1.49 -3.06
C GLY A 586 17.60 2.87 -2.38
N GLN A 587 18.02 3.89 -3.13
CA GLN A 587 18.04 5.26 -2.61
C GLN A 587 16.64 5.79 -2.31
N LEU A 588 15.66 5.45 -3.14
CA LEU A 588 14.27 5.79 -2.87
C LEU A 588 13.76 5.10 -1.60
N PHE A 589 14.06 3.81 -1.44
CA PHE A 589 13.68 3.05 -0.26
C PHE A 589 14.25 3.72 0.99
N PHE A 590 15.56 3.99 1.05
CA PHE A 590 16.17 4.59 2.24
C PHE A 590 15.87 6.09 2.39
N LYS A 591 15.33 6.76 1.36
CA LYS A 591 14.76 8.07 1.56
C LYS A 591 13.46 7.97 2.37
N PHE A 592 12.51 7.17 1.89
CA PHE A 592 11.17 7.13 2.46
C PHE A 592 11.08 6.24 3.70
N LEU A 593 12.03 5.29 3.87
CA LEU A 593 12.09 4.32 4.97
C LEU A 593 10.73 3.67 5.21
N PRO A 594 10.08 3.09 4.17
CA PRO A 594 8.68 2.68 4.27
C PRO A 594 8.46 1.55 5.27
N HIS A 595 9.48 0.74 5.52
CA HIS A 595 9.43 -0.29 6.54
C HIS A 595 9.10 0.29 7.93
N LEU A 596 9.56 1.50 8.24
CA LEU A 596 9.31 2.12 9.53
C LEU A 596 7.86 2.56 9.71
N GLU A 597 7.18 2.95 8.62
CA GLU A 597 5.77 3.28 8.64
C GLU A 597 4.90 2.02 8.78
N LEU A 598 5.20 1.00 7.96
CA LEU A 598 4.47 -0.26 8.02
C LEU A 598 4.67 -0.94 9.37
N SER A 599 5.86 -0.85 9.93
CA SER A 599 6.18 -1.32 11.27
C SER A 599 5.34 -0.62 12.33
N ALA A 600 5.20 0.71 12.21
CA ALA A 600 4.44 1.52 13.14
C ALA A 600 2.94 1.16 13.14
N VAL A 601 2.36 0.99 11.95
CA VAL A 601 0.98 0.57 11.83
C VAL A 601 0.80 -0.87 12.35
N ALA A 602 1.71 -1.79 12.05
CA ALA A 602 1.65 -3.16 12.52
C ALA A 602 1.63 -3.24 14.05
N ARG A 603 2.49 -2.45 14.72
CA ARG A 603 2.51 -2.37 16.17
C ARG A 603 1.21 -1.81 16.74
N LEU A 604 0.71 -0.74 16.13
CA LEU A 604 -0.47 -0.05 16.63
C LEU A 604 -1.72 -0.91 16.49
N ALA A 605 -1.90 -1.51 15.31
CA ALA A 605 -3.08 -2.27 14.95
C ALA A 605 -3.12 -3.68 15.56
N GLY A 606 -1.99 -4.24 15.98
CA GLY A 606 -1.94 -5.60 16.50
C GLY A 606 -2.00 -6.68 15.42
N ILE A 607 -1.62 -6.31 14.18
CA ILE A 607 -1.60 -7.23 13.05
C ILE A 607 -0.16 -7.30 12.52
N ASN A 608 0.24 -8.37 11.84
CA ASN A 608 1.59 -8.44 11.32
C ASN A 608 1.81 -7.47 10.15
N ILE A 609 3.08 -7.17 9.87
CA ILE A 609 3.46 -6.20 8.84
C ILE A 609 3.03 -6.68 7.45
N THR A 610 2.98 -8.00 7.24
CA THR A 610 2.52 -8.58 5.98
C THR A 610 1.05 -8.20 5.73
N ARG A 611 0.14 -8.43 6.70
CA ARG A 611 -1.26 -8.01 6.57
C ARG A 611 -1.39 -6.48 6.52
N THR A 612 -0.50 -5.75 7.18
CA THR A 612 -0.51 -4.30 7.12
C THR A 612 -0.37 -3.82 5.68
N ILE A 613 0.46 -4.48 4.86
CA ILE A 613 0.64 -4.12 3.46
C ILE A 613 -0.53 -4.62 2.62
N TYR A 614 -0.85 -5.93 2.70
CA TYR A 614 -1.65 -6.60 1.67
C TYR A 614 -3.13 -6.75 1.99
N ASP A 615 -3.55 -6.61 3.26
CA ASP A 615 -4.97 -6.58 3.60
C ASP A 615 -5.48 -5.13 3.63
N GLY A 616 -6.78 -4.94 3.83
CA GLY A 616 -7.29 -3.58 3.72
C GLY A 616 -7.14 -2.77 5.01
N GLN A 617 -7.82 -1.61 5.03
CA GLN A 617 -7.91 -0.77 6.21
C GLN A 617 -8.78 -1.40 7.30
N GLN A 618 -9.78 -2.21 6.95
CA GLN A 618 -10.76 -2.65 7.94
C GLN A 618 -10.14 -3.50 9.04
N ILE A 619 -9.19 -4.40 8.70
CA ILE A 619 -8.62 -5.32 9.69
C ILE A 619 -7.87 -4.58 10.80
N ARG A 620 -7.33 -3.37 10.49
CA ARG A 620 -6.64 -2.54 11.45
C ARG A 620 -7.60 -2.09 12.56
N VAL A 621 -8.74 -1.51 12.19
CA VAL A 621 -9.72 -1.03 13.16
C VAL A 621 -10.38 -2.22 13.84
N PHE A 622 -10.72 -3.27 13.08
CA PHE A 622 -11.34 -4.45 13.65
C PHE A 622 -10.51 -5.04 14.80
N THR A 623 -9.20 -5.14 14.65
CA THR A 623 -8.36 -5.77 15.67
C THR A 623 -8.29 -4.92 16.95
N CYS A 624 -8.26 -3.59 16.78
CA CYS A 624 -8.26 -2.67 17.90
C CYS A 624 -9.58 -2.69 18.66
N LEU A 625 -10.67 -2.64 17.90
CA LEU A 625 -12.01 -2.78 18.44
C LEU A 625 -12.18 -4.12 19.15
N LEU A 626 -11.68 -5.22 18.60
CA LEU A 626 -11.83 -6.53 19.20
C LEU A 626 -11.16 -6.58 20.58
N ARG A 627 -9.97 -5.99 20.74
CA ARG A 627 -9.32 -5.91 22.05
C ARG A 627 -10.19 -5.16 23.05
N LEU A 628 -10.69 -3.97 22.65
CA LEU A 628 -11.49 -3.15 23.53
C LEU A 628 -12.87 -3.74 23.86
N ALA A 629 -13.57 -4.26 22.86
CA ALA A 629 -14.83 -4.96 23.02
C ALA A 629 -14.72 -6.09 24.04
N ASP A 630 -13.63 -6.88 23.95
CA ASP A 630 -13.38 -7.95 24.92
C ASP A 630 -13.27 -7.40 26.34
N GLN A 631 -12.48 -6.33 26.55
CA GLN A 631 -12.31 -5.76 27.88
C GLN A 631 -13.66 -5.44 28.51
N LYS A 632 -14.63 -5.01 27.69
CA LYS A 632 -15.94 -4.55 28.15
C LYS A 632 -17.03 -5.61 28.02
N GLY A 633 -16.67 -6.88 27.78
CA GLY A 633 -17.64 -7.96 27.83
C GLY A 633 -18.54 -8.07 26.60
N PHE A 634 -18.24 -7.31 25.53
CA PHE A 634 -18.93 -7.46 24.26
C PHE A 634 -18.30 -8.58 23.42
N ILE A 635 -19.08 -9.11 22.45
CA ILE A 635 -18.57 -10.02 21.44
C ILE A 635 -19.03 -9.56 20.06
N LEU A 636 -18.14 -9.70 19.05
CA LEU A 636 -18.43 -9.20 17.72
C LEU A 636 -18.99 -10.34 16.85
N PRO A 637 -20.22 -10.23 16.30
CA PRO A 637 -20.78 -11.27 15.45
C PRO A 637 -20.11 -11.34 14.09
N ASP A 638 -19.99 -12.57 13.56
CA ASP A 638 -19.49 -12.79 12.21
C ASP A 638 -20.56 -12.35 11.20
N THR A 639 -20.16 -11.43 10.31
CA THR A 639 -21.05 -10.86 9.30
C THR A 639 -21.46 -11.93 8.29
N GLN A 640 -22.76 -12.05 8.05
CA GLN A 640 -23.36 -13.05 7.16
C GLN A 640 -23.07 -12.72 5.69
N GLY A 641 -22.91 -13.77 4.87
CA GLY A 641 -22.63 -13.62 3.43
C GLY A 641 -21.34 -12.84 3.17
N ARG A 700 -27.38 21.58 0.88
CA ARG A 700 -27.17 21.71 -0.59
C ARG A 700 -26.90 23.17 -0.99
N VAL A 701 -27.25 24.14 -0.13
CA VAL A 701 -26.99 25.56 -0.32
C VAL A 701 -25.48 25.87 -0.34
N LEU A 702 -24.66 24.87 0.04
CA LEU A 702 -23.20 24.96 0.08
C LEU A 702 -22.56 24.79 -1.31
N ASP A 703 -23.34 24.46 -2.35
CA ASP A 703 -22.80 24.23 -3.69
C ASP A 703 -22.22 25.52 -4.26
N PRO A 704 -21.03 25.47 -4.91
CA PRO A 704 -20.38 26.68 -5.38
C PRO A 704 -21.03 27.25 -6.64
N THR A 705 -21.51 28.49 -6.53
CA THR A 705 -21.76 29.31 -7.71
C THR A 705 -20.40 29.66 -8.30
N SER A 706 -20.03 29.01 -9.40
CA SER A 706 -18.70 29.15 -9.96
C SER A 706 -18.47 30.60 -10.45
N GLY A 707 -17.23 31.07 -10.30
CA GLY A 707 -16.95 32.48 -10.44
C GLY A 707 -15.57 32.86 -9.90
N PHE A 708 -15.22 34.14 -10.05
CA PHE A 708 -13.93 34.64 -9.62
C PHE A 708 -14.07 35.68 -8.51
N HIS A 709 -13.39 35.44 -7.38
CA HIS A 709 -13.43 36.33 -6.23
C HIS A 709 -12.06 36.98 -5.99
N VAL A 710 -12.06 38.33 -5.93
CA VAL A 710 -10.88 39.12 -5.60
C VAL A 710 -10.93 39.68 -4.16
N ASN A 711 -12.04 39.47 -3.44
CA ASN A 711 -12.06 39.62 -2.00
C ASN A 711 -11.42 38.39 -1.37
N PRO A 712 -10.79 38.51 -0.19
CA PRO A 712 -10.13 37.35 0.41
C PRO A 712 -11.15 36.31 0.84
N VAL A 713 -10.76 35.05 0.72
CA VAL A 713 -11.60 33.92 1.09
C VAL A 713 -10.86 33.14 2.15
N VAL A 714 -11.48 32.97 3.33
CA VAL A 714 -10.90 32.23 4.44
C VAL A 714 -11.44 30.81 4.44
N VAL A 715 -10.56 29.82 4.50
CA VAL A 715 -10.98 28.45 4.62
C VAL A 715 -11.04 28.08 6.10
N PHE A 716 -12.25 27.79 6.60
CA PHE A 716 -12.38 27.04 7.85
C PHE A 716 -12.49 25.55 7.54
N ASP A 717 -11.82 24.74 8.33
CA ASP A 717 -11.77 23.32 8.07
C ASP A 717 -11.84 22.60 9.40
N PHE A 718 -12.68 21.57 9.49
CA PHE A 718 -12.78 20.78 10.70
C PHE A 718 -11.59 19.82 10.85
N ALA A 719 -10.86 19.94 11.96
CA ALA A 719 -9.86 18.96 12.31
C ALA A 719 -10.50 17.59 12.57
N SER A 720 -10.19 16.62 11.71
CA SER A 720 -10.68 15.24 11.83
C SER A 720 -12.19 15.20 12.10
N LEU A 721 -12.99 15.69 11.14
CA LEU A 721 -14.42 15.86 11.33
C LEU A 721 -15.07 14.54 11.74
N TYR A 722 -14.88 13.48 10.95
CA TYR A 722 -15.65 12.27 11.20
C TYR A 722 -15.23 11.66 12.53
N PRO A 723 -13.93 11.44 12.86
CA PRO A 723 -13.55 11.00 14.22
C PRO A 723 -14.09 11.87 15.35
N SER A 724 -13.99 13.20 15.23
CA SER A 724 -14.47 14.09 16.27
C SER A 724 -15.99 14.02 16.45
N ILE A 725 -16.77 13.80 15.38
CA ILE A 725 -18.20 13.54 15.47
C ILE A 725 -18.44 12.26 16.23
N ILE A 726 -17.74 11.17 15.86
CA ILE A 726 -17.92 9.90 16.53
C ILE A 726 -17.71 10.05 18.04
N GLN A 727 -16.68 10.78 18.47
CA GLN A 727 -16.43 11.02 19.88
C GLN A 727 -17.47 11.94 20.50
N ALA A 728 -17.72 13.09 19.89
CA ALA A 728 -18.63 14.10 20.45
C ALA A 728 -20.04 13.55 20.68
N HIS A 729 -20.56 12.79 19.71
CA HIS A 729 -21.91 12.26 19.74
C HIS A 729 -22.00 10.82 20.22
N ASN A 730 -20.87 10.24 20.67
CA ASN A 730 -20.84 8.95 21.33
C ASN A 730 -21.43 7.84 20.43
N LEU A 731 -21.05 7.86 19.15
CA LEU A 731 -21.60 6.94 18.15
C LEU A 731 -20.90 5.60 18.25
N CYS A 732 -21.67 4.51 18.24
CA CYS A 732 -21.16 3.15 18.26
C CYS A 732 -22.26 2.16 17.94
N PHE A 733 -21.87 0.93 17.59
CA PHE A 733 -22.75 -0.21 17.58
C PHE A 733 -23.58 -0.31 18.86
N SER A 734 -22.89 -0.11 20.00
CA SER A 734 -23.37 -0.48 21.32
C SER A 734 -24.14 0.63 22.01
N THR A 735 -24.18 1.83 21.44
CA THR A 735 -24.92 2.96 21.99
C THR A 735 -26.14 3.31 21.15
N LEU A 736 -26.17 2.82 19.90
CA LEU A 736 -27.30 2.94 19.00
C LEU A 736 -28.49 2.19 19.53
N SER A 737 -29.67 2.72 19.22
CA SER A 737 -30.88 1.92 19.24
C SER A 737 -31.78 2.35 18.09
N LEU A 738 -32.65 1.43 17.67
CA LEU A 738 -33.58 1.67 16.57
C LEU A 738 -35.02 1.81 17.07
N ARG A 739 -35.26 1.59 18.37
CA ARG A 739 -36.59 1.43 18.92
C ARG A 739 -36.75 2.22 20.22
N ALA A 740 -37.84 2.99 20.34
CA ALA A 740 -37.99 3.94 21.42
C ALA A 740 -38.08 3.25 22.79
N ASP A 741 -38.66 2.04 22.87
CA ASP A 741 -38.75 1.33 24.14
C ASP A 741 -37.37 0.97 24.72
N ALA A 742 -36.30 1.06 23.92
CA ALA A 742 -34.93 0.90 24.41
C ALA A 742 -34.52 2.05 25.33
N VAL A 743 -35.02 3.27 25.03
CA VAL A 743 -34.60 4.50 25.71
C VAL A 743 -35.76 5.16 26.49
N ALA A 744 -36.91 4.50 26.60
CA ALA A 744 -38.10 5.04 27.24
C ALA A 744 -37.88 5.36 28.73
N HIS A 745 -36.87 4.73 29.36
CA HIS A 745 -36.54 4.95 30.77
C HIS A 745 -35.53 6.08 30.98
N LEU A 746 -34.98 6.63 29.88
CA LEU A 746 -34.01 7.73 29.89
C LEU A 746 -34.70 9.05 29.55
N GLU A 747 -33.99 10.18 29.73
CA GLU A 747 -34.53 11.51 29.47
C GLU A 747 -34.01 12.06 28.13
N ALA A 748 -34.91 12.56 27.28
CA ALA A 748 -34.53 13.04 25.96
C ALA A 748 -33.59 14.25 26.03
N GLY A 749 -32.64 14.34 25.08
CA GLY A 749 -31.67 15.42 25.03
C GLY A 749 -30.57 15.30 26.08
N LYS A 750 -30.92 14.79 27.28
CA LYS A 750 -30.01 14.66 28.41
C LYS A 750 -29.25 13.34 28.34
N ASP A 751 -29.99 12.24 28.28
CA ASP A 751 -29.43 10.90 28.31
C ASP A 751 -29.21 10.32 26.92
N TYR A 752 -29.86 10.89 25.88
CA TYR A 752 -29.66 10.41 24.53
C TYR A 752 -29.89 11.49 23.46
N LEU A 753 -29.24 11.29 22.32
CA LEU A 753 -29.48 11.98 21.07
C LEU A 753 -30.59 11.27 20.30
N GLU A 754 -31.56 12.01 19.72
CA GLU A 754 -32.40 11.46 18.66
C GLU A 754 -32.01 12.09 17.33
N ILE A 755 -31.99 11.28 16.27
CA ILE A 755 -31.64 11.82 14.97
C ILE A 755 -32.29 10.99 13.88
N GLU A 756 -33.05 11.66 13.00
CA GLU A 756 -33.62 10.98 11.84
C GLU A 756 -32.54 10.90 10.76
N VAL A 757 -32.22 9.67 10.37
CA VAL A 757 -31.15 9.37 9.44
C VAL A 757 -31.70 8.39 8.41
N GLY A 758 -31.65 8.76 7.12
CA GLY A 758 -32.20 7.91 6.06
C GLY A 758 -33.63 7.43 6.37
N GLY A 759 -34.44 8.34 6.94
CA GLY A 759 -35.86 8.11 7.17
C GLY A 759 -36.17 7.46 8.52
N ARG A 760 -35.22 6.70 9.08
CA ARG A 760 -35.40 6.05 10.37
C ARG A 760 -35.10 7.03 11.51
N ARG A 761 -35.81 6.87 12.63
CA ARG A 761 -35.49 7.57 13.85
C ARG A 761 -34.46 6.78 14.66
N LEU A 762 -33.17 7.15 14.58
CA LEU A 762 -32.12 6.50 15.36
C LEU A 762 -31.99 7.19 16.72
N PHE A 763 -31.56 6.44 17.72
CA PHE A 763 -31.25 6.99 19.04
C PHE A 763 -29.80 6.63 19.40
N PHE A 764 -29.05 7.56 20.02
CA PHE A 764 -27.76 7.20 20.58
C PHE A 764 -27.64 7.70 22.02
N VAL A 765 -27.47 6.77 22.97
CA VAL A 765 -27.35 7.15 24.37
C VAL A 765 -26.03 7.89 24.56
N LYS A 766 -26.02 8.87 25.48
CA LYS A 766 -24.87 9.74 25.66
C LYS A 766 -23.84 9.06 26.55
N ALA A 767 -22.62 9.60 26.62
CA ALA A 767 -21.46 8.87 27.14
C ALA A 767 -21.58 8.48 28.61
N HIS A 768 -22.36 9.22 29.41
CA HIS A 768 -22.56 8.92 30.82
C HIS A 768 -23.58 7.80 31.06
N VAL A 769 -24.39 7.45 30.05
CA VAL A 769 -25.20 6.24 30.06
C VAL A 769 -24.34 5.01 29.71
N ARG A 770 -23.65 5.08 28.57
CA ARG A 770 -22.73 4.05 28.10
C ARG A 770 -21.75 4.69 27.12
N GLU A 771 -20.46 4.49 27.35
CA GLU A 771 -19.43 5.11 26.53
C GLU A 771 -19.18 4.28 25.26
N SER A 772 -19.12 4.96 24.12
CA SER A 772 -18.92 4.32 22.83
C SER A 772 -17.54 3.63 22.72
N LEU A 773 -17.47 2.41 22.15
CA LEU A 773 -16.20 1.74 21.92
C LEU A 773 -15.38 2.49 20.86
N LEU A 774 -16.01 2.97 19.79
CA LEU A 774 -15.32 3.75 18.77
C LEU A 774 -14.75 5.03 19.38
N SER A 775 -15.53 5.64 20.30
CA SER A 775 -15.17 6.87 20.96
C SER A 775 -13.93 6.63 21.82
N ILE A 776 -13.90 5.53 22.56
CA ILE A 776 -12.74 5.16 23.38
C ILE A 776 -11.51 4.90 22.52
N LEU A 777 -11.60 4.15 21.41
CA LEU A 777 -10.46 3.97 20.50
C LEU A 777 -9.90 5.31 20.04
N LEU A 778 -10.76 6.18 19.53
CA LEU A 778 -10.35 7.47 19.02
C LEU A 778 -9.79 8.36 20.12
N ARG A 779 -10.45 8.41 21.30
CA ARG A 779 -9.98 9.16 22.44
C ARG A 779 -8.54 8.78 22.79
N ASP A 780 -8.29 7.48 22.92
CA ASP A 780 -7.01 6.96 23.35
C ASP A 780 -5.93 7.16 22.27
N TRP A 781 -6.23 6.94 21.00
CA TRP A 781 -5.29 7.21 19.92
C TRP A 781 -4.88 8.68 19.84
N LEU A 782 -5.84 9.59 19.92
CA LEU A 782 -5.51 11.00 19.85
C LEU A 782 -4.72 11.48 21.08
N ALA A 783 -4.90 10.83 22.24
CA ALA A 783 -4.03 11.07 23.39
C ALA A 783 -2.59 10.61 23.12
N MET A 784 -2.39 9.42 22.53
CA MET A 784 -1.06 8.98 22.12
C MET A 784 -0.44 9.95 21.10
N ARG A 785 -1.21 10.40 20.11
CA ARG A 785 -0.67 11.25 19.07
C ARG A 785 -0.17 12.57 19.65
N LYS A 786 -0.88 13.13 20.63
CA LYS A 786 -0.42 14.31 21.33
C LYS A 786 0.89 14.00 22.07
N GLN A 787 0.91 12.92 22.86
CA GLN A 787 2.05 12.58 23.70
C GLN A 787 3.33 12.45 22.85
N ILE A 788 3.26 11.70 21.74
CA ILE A 788 4.36 11.57 20.78
C ILE A 788 4.77 12.95 20.22
N ARG A 789 3.83 13.74 19.68
CA ARG A 789 4.20 15.00 19.03
C ARG A 789 4.79 16.00 20.03
N SER A 790 4.46 15.91 21.33
CA SER A 790 5.09 16.71 22.36
C SER A 790 6.58 16.40 22.56
N ARG A 791 7.00 15.16 22.26
CA ARG A 791 8.38 14.71 22.41
C ARG A 791 9.25 15.02 21.19
N ILE A 792 8.66 15.14 19.99
CA ILE A 792 9.41 15.29 18.75
C ILE A 792 10.45 16.40 18.85
N PRO A 793 10.13 17.67 19.23
CA PRO A 793 11.15 18.73 19.32
C PRO A 793 12.31 18.47 20.30
N GLN A 794 12.04 17.73 21.38
CA GLN A 794 13.05 17.39 22.38
C GLN A 794 13.96 16.24 21.94
N SER A 795 13.41 15.32 21.12
CA SER A 795 14.04 14.06 20.80
C SER A 795 15.27 14.22 19.90
N SER A 796 16.20 13.25 19.98
CA SER A 796 17.38 13.17 19.11
C SER A 796 16.97 12.91 17.67
N PRO A 797 17.67 13.41 16.62
CA PRO A 797 17.25 13.20 15.23
C PRO A 797 16.99 11.75 14.77
N GLU A 798 17.62 10.76 15.41
CA GLU A 798 17.34 9.36 15.16
C GLU A 798 15.97 8.94 15.70
N GLU A 799 15.58 9.49 16.86
CA GLU A 799 14.28 9.27 17.46
C GLU A 799 13.20 10.08 16.72
N ALA A 800 13.52 11.30 16.30
CA ALA A 800 12.57 12.22 15.71
C ALA A 800 11.87 11.64 14.48
N VAL A 801 12.60 10.83 13.69
CA VAL A 801 12.04 10.14 12.52
C VAL A 801 11.12 9.00 12.97
N LEU A 802 11.52 8.23 13.99
CA LEU A 802 10.68 7.17 14.54
C LEU A 802 9.37 7.72 15.10
N LEU A 803 9.45 8.77 15.94
CA LEU A 803 8.27 9.43 16.49
C LEU A 803 7.38 9.98 15.37
N ASP A 804 7.97 10.51 14.29
CA ASP A 804 7.20 10.97 13.14
C ASP A 804 6.46 9.82 12.46
N LYS A 805 7.09 8.64 12.33
CA LYS A 805 6.40 7.49 11.78
C LYS A 805 5.28 7.01 12.72
N GLN A 806 5.49 7.05 14.04
CA GLN A 806 4.47 6.65 15.00
C GLN A 806 3.25 7.58 14.92
N GLN A 807 3.44 8.91 14.94
CA GLN A 807 2.31 9.84 14.89
C GLN A 807 1.58 9.73 13.54
N ALA A 808 2.28 9.46 12.45
CA ALA A 808 1.66 9.25 11.16
C ALA A 808 0.81 7.97 11.12
N ALA A 809 1.31 6.88 11.72
CA ALA A 809 0.57 5.63 11.84
C ALA A 809 -0.75 5.86 12.60
N ILE A 810 -0.73 6.60 13.71
CA ILE A 810 -1.93 6.88 14.47
C ILE A 810 -2.95 7.65 13.62
N LYS A 811 -2.48 8.61 12.82
CA LYS A 811 -3.37 9.39 11.98
C LYS A 811 -4.13 8.49 11.00
N VAL A 812 -3.45 7.62 10.26
CA VAL A 812 -4.11 6.83 9.24
C VAL A 812 -5.11 5.86 9.88
N VAL A 813 -4.80 5.32 11.05
CA VAL A 813 -5.72 4.43 11.75
C VAL A 813 -6.96 5.20 12.24
N CYS A 814 -6.83 6.36 12.90
CA CYS A 814 -7.99 7.20 13.26
C CYS A 814 -8.92 7.52 12.10
N ASN A 815 -8.37 7.99 10.98
CA ASN A 815 -9.16 8.38 9.82
C ASN A 815 -9.88 7.20 9.16
N SER A 816 -9.43 5.96 9.40
CA SER A 816 -10.08 4.78 8.84
C SER A 816 -11.32 4.30 9.63
N VAL A 817 -11.62 4.85 10.82
CA VAL A 817 -12.74 4.37 11.63
C VAL A 817 -14.07 4.59 10.91
N TYR A 818 -14.26 5.75 10.30
CA TYR A 818 -15.52 6.07 9.64
C TYR A 818 -15.81 5.04 8.54
N GLY A 819 -14.85 4.86 7.64
CA GLY A 819 -14.92 3.89 6.55
C GLY A 819 -15.18 2.46 7.04
N PHE A 820 -14.57 2.05 8.14
CA PHE A 820 -14.77 0.72 8.69
C PHE A 820 -16.25 0.44 9.00
N THR A 821 -16.97 1.42 9.56
CA THR A 821 -18.40 1.23 9.84
C THR A 821 -19.24 1.26 8.57
N GLY A 822 -18.84 1.99 7.53
CA GLY A 822 -19.67 2.22 6.36
C GLY A 822 -19.57 1.15 5.25
N VAL A 823 -18.53 0.32 5.23
CA VAL A 823 -18.37 -0.67 4.18
C VAL A 823 -19.29 -1.86 4.44
N GLN A 824 -20.35 -1.99 3.63
CA GLN A 824 -21.29 -3.10 3.74
C GLN A 824 -20.59 -4.41 3.36
N HIS A 825 -21.01 -5.52 3.99
CA HIS A 825 -20.34 -6.82 3.91
C HIS A 825 -18.87 -6.76 4.37
N GLY A 826 -18.49 -5.69 5.09
CA GLY A 826 -17.21 -5.61 5.77
C GLY A 826 -17.19 -6.45 7.04
N LEU A 827 -16.16 -6.27 7.88
CA LEU A 827 -15.92 -7.19 8.98
C LEU A 827 -16.99 -7.02 10.05
N LEU A 828 -17.35 -5.75 10.31
CA LEU A 828 -18.38 -5.41 11.30
C LEU A 828 -19.08 -4.13 10.84
N PRO A 829 -19.99 -4.23 9.85
CA PRO A 829 -20.61 -3.04 9.27
C PRO A 829 -21.68 -2.48 10.19
N CYS A 830 -21.87 -1.16 10.13
CA CYS A 830 -23.02 -0.55 10.77
C CYS A 830 -23.38 0.72 10.01
N LEU A 831 -24.20 0.56 8.96
CA LEU A 831 -24.51 1.66 8.07
C LEU A 831 -25.23 2.79 8.84
N HIS A 832 -25.93 2.47 9.94
CA HIS A 832 -26.55 3.47 10.78
C HIS A 832 -25.54 4.45 11.40
N VAL A 833 -24.38 3.96 11.85
CA VAL A 833 -23.36 4.85 12.38
C VAL A 833 -22.78 5.70 11.25
N ALA A 834 -22.35 5.08 10.15
CA ALA A 834 -21.78 5.82 9.04
C ALA A 834 -22.76 6.89 8.52
N ALA A 835 -24.04 6.53 8.38
CA ALA A 835 -25.06 7.44 7.94
C ALA A 835 -25.31 8.55 8.97
N THR A 836 -25.20 8.27 10.26
CA THR A 836 -25.33 9.31 11.27
C THR A 836 -24.13 10.24 11.25
N VAL A 837 -22.90 9.71 11.11
CA VAL A 837 -21.70 10.53 10.99
C VAL A 837 -21.86 11.55 9.85
N THR A 838 -22.26 11.10 8.67
CA THR A 838 -22.43 11.98 7.52
C THR A 838 -23.61 12.91 7.68
N THR A 839 -24.69 12.47 8.35
CA THR A 839 -25.82 13.36 8.62
C THR A 839 -25.39 14.49 9.54
N ILE A 840 -24.68 14.18 10.63
CA ILE A 840 -24.22 15.18 11.58
C ILE A 840 -23.20 16.12 10.89
N GLY A 841 -22.31 15.57 10.07
CA GLY A 841 -21.41 16.37 9.27
C GLY A 841 -22.13 17.40 8.40
N ARG A 842 -23.21 17.02 7.72
CA ARG A 842 -23.98 17.93 6.88
C ARG A 842 -24.68 18.98 7.75
N GLU A 843 -25.26 18.56 8.88
CA GLU A 843 -25.92 19.53 9.75
C GLU A 843 -24.92 20.51 10.38
N MET A 844 -23.70 20.07 10.71
CA MET A 844 -22.66 20.95 11.24
C MET A 844 -22.20 22.01 10.24
N LEU A 845 -22.07 21.67 8.95
CA LEU A 845 -21.70 22.65 7.95
C LEU A 845 -22.80 23.70 7.81
N LEU A 846 -24.09 23.29 7.86
CA LEU A 846 -25.18 24.25 7.76
C LEU A 846 -25.28 25.09 9.03
N ALA A 847 -25.05 24.51 10.22
CA ALA A 847 -25.02 25.28 11.44
C ALA A 847 -23.90 26.34 11.42
N THR A 848 -22.72 25.94 10.92
CA THR A 848 -21.61 26.86 10.73
C THR A 848 -21.99 28.02 9.82
N ARG A 849 -22.61 27.72 8.67
CA ARG A 849 -23.10 28.75 7.76
C ARG A 849 -24.12 29.68 8.42
N GLU A 850 -25.13 29.14 9.09
CA GLU A 850 -26.16 29.93 9.75
C GLU A 850 -25.57 30.81 10.87
N TYR A 851 -24.62 30.31 11.66
CA TYR A 851 -24.01 31.09 12.72
C TYR A 851 -23.21 32.26 12.14
N VAL A 852 -22.34 31.96 11.17
CA VAL A 852 -21.51 32.95 10.53
C VAL A 852 -22.39 34.04 9.94
N HIS A 853 -23.45 33.68 9.20
CA HIS A 853 -24.35 34.67 8.60
C HIS A 853 -25.10 35.50 9.65
N ALA A 854 -25.60 34.86 10.71
CA ALA A 854 -26.46 35.53 11.69
C ALA A 854 -25.68 36.41 12.67
N ARG A 855 -24.53 35.93 13.18
CA ARG A 855 -23.76 36.63 14.19
C ARG A 855 -22.94 37.76 13.57
N TRP A 856 -22.39 37.53 12.37
CA TRP A 856 -21.48 38.49 11.75
C TRP A 856 -22.08 39.03 10.46
N ALA A 857 -23.35 39.43 10.48
CA ALA A 857 -24.00 40.07 9.35
C ALA A 857 -23.38 41.44 9.07
N ALA A 858 -23.10 42.18 10.16
CA ALA A 858 -22.58 43.53 10.10
C ALA A 858 -21.18 43.62 10.72
N PHE A 859 -20.37 44.54 10.18
CA PHE A 859 -19.00 44.75 10.62
C PHE A 859 -18.94 45.04 12.13
N GLU A 860 -19.89 45.80 12.67
CA GLU A 860 -19.94 46.13 14.08
C GLU A 860 -20.01 44.88 14.97
N GLN A 861 -20.73 43.85 14.52
CA GLN A 861 -20.86 42.62 15.29
C GLN A 861 -19.54 41.84 15.30
N LEU A 862 -18.84 41.81 14.15
CA LEU A 862 -17.52 41.20 14.07
C LEU A 862 -16.55 41.96 14.99
N LEU A 863 -16.56 43.29 14.92
CA LEU A 863 -15.70 44.15 15.74
C LEU A 863 -15.96 43.96 17.23
N ALA A 864 -17.23 43.82 17.63
CA ALA A 864 -17.61 43.59 19.02
C ALA A 864 -17.03 42.27 19.56
N ASP A 865 -16.90 41.25 18.71
CA ASP A 865 -16.34 39.96 19.08
C ASP A 865 -14.81 39.95 18.96
N PHE A 866 -14.28 40.71 17.98
CA PHE A 866 -12.84 40.81 17.71
C PHE A 866 -12.45 42.27 17.42
N PRO A 867 -12.02 43.05 18.45
CA PRO A 867 -11.72 44.48 18.26
C PRO A 867 -10.53 44.77 17.33
N GLU A 868 -9.79 43.72 16.91
CA GLU A 868 -8.77 43.81 15.87
C GLU A 868 -9.33 44.30 14.52
N ALA A 869 -10.63 44.04 14.27
CA ALA A 869 -11.23 44.25 12.96
C ALA A 869 -11.16 45.72 12.50
N ALA A 870 -10.98 46.67 13.43
CA ALA A 870 -10.84 48.09 13.10
C ALA A 870 -9.68 48.36 12.14
N ASP A 871 -8.59 47.58 12.24
CA ASP A 871 -7.45 47.76 11.36
C ASP A 871 -7.69 47.01 10.04
N MET A 872 -8.40 45.88 10.13
CA MET A 872 -8.66 45.03 8.96
C MET A 872 -9.55 45.72 7.93
N ARG A 873 -10.48 46.59 8.37
CA ARG A 873 -11.55 47.13 7.54
C ARG A 873 -11.00 47.73 6.24
N ALA A 874 -11.34 47.09 5.10
CA ALA A 874 -11.00 47.55 3.76
C ALA A 874 -12.08 48.51 3.24
N PRO A 875 -11.83 49.24 2.13
CA PRO A 875 -12.87 50.06 1.50
C PRO A 875 -14.08 49.28 0.98
N GLY A 876 -15.19 50.00 0.76
CA GLY A 876 -16.39 49.42 0.16
C GLY A 876 -17.27 48.67 1.16
N PRO A 877 -18.36 48.02 0.67
CA PRO A 877 -19.25 47.23 1.53
C PRO A 877 -18.58 46.06 2.23
N TYR A 878 -19.00 45.83 3.48
CA TYR A 878 -18.63 44.64 4.22
C TYR A 878 -19.71 43.56 4.07
N SER A 879 -19.28 42.33 3.78
CA SER A 879 -20.14 41.16 3.90
C SER A 879 -19.30 39.92 4.17
N MET A 880 -19.90 38.93 4.82
CA MET A 880 -19.20 37.73 5.20
C MET A 880 -20.16 36.57 4.97
N ARG A 881 -19.94 35.81 3.89
CA ARG A 881 -20.86 34.78 3.42
C ARG A 881 -20.09 33.49 3.09
N ILE A 882 -20.68 32.33 3.35
CA ILE A 882 -20.10 31.10 2.86
C ILE A 882 -20.37 31.02 1.35
N ILE A 883 -19.34 30.68 0.56
CA ILE A 883 -19.43 30.60 -0.90
C ILE A 883 -19.19 29.17 -1.41
N TYR A 884 -18.57 28.30 -0.61
CA TYR A 884 -18.38 26.91 -0.95
C TYR A 884 -18.34 26.12 0.35
N GLY A 885 -18.81 24.87 0.31
CA GLY A 885 -18.72 23.96 1.44
C GLY A 885 -18.41 22.54 0.96
N ASP A 886 -17.23 22.06 1.32
CA ASP A 886 -16.77 20.74 1.00
C ASP A 886 -17.44 19.73 1.94
N THR A 887 -16.85 18.55 2.07
CA THR A 887 -17.26 17.56 3.05
C THR A 887 -17.02 18.04 4.48
N ASP A 888 -15.95 18.82 4.69
CA ASP A 888 -15.49 19.15 6.04
C ASP A 888 -14.77 20.50 6.10
N SER A 889 -14.93 21.33 5.06
CA SER A 889 -14.41 22.69 5.07
C SER A 889 -15.42 23.63 4.46
N ILE A 890 -15.27 24.90 4.84
CA ILE A 890 -16.16 25.97 4.44
C ILE A 890 -15.28 27.13 3.94
N PHE A 891 -15.67 27.76 2.85
CA PHE A 891 -14.95 28.89 2.32
C PHE A 891 -15.78 30.15 2.57
N VAL A 892 -15.22 31.16 3.24
CA VAL A 892 -15.97 32.35 3.61
C VAL A 892 -15.41 33.55 2.87
N LEU A 893 -16.25 34.18 2.06
CA LEU A 893 -15.90 35.36 1.29
C LEU A 893 -16.02 36.60 2.16
N CYS A 894 -14.87 37.23 2.43
CA CYS A 894 -14.78 38.32 3.37
C CYS A 894 -14.65 39.66 2.64
N ARG A 895 -15.73 40.07 1.98
CA ARG A 895 -15.81 41.37 1.33
C ARG A 895 -15.65 42.47 2.39
N GLY A 896 -14.87 43.52 2.09
CA GLY A 896 -14.69 44.65 3.00
C GLY A 896 -13.66 44.43 4.11
N LEU A 897 -12.91 43.32 4.09
CA LEU A 897 -11.77 43.13 4.99
C LEU A 897 -10.48 42.96 4.17
N THR A 898 -9.36 43.49 4.71
CA THR A 898 -8.02 43.25 4.15
C THR A 898 -7.55 41.84 4.52
N ALA A 899 -6.74 41.23 3.63
CA ALA A 899 -6.34 39.83 3.77
C ALA A 899 -5.37 39.62 4.94
N ALA A 900 -4.55 40.64 5.26
CA ALA A 900 -3.45 40.51 6.21
C ALA A 900 -3.94 40.12 7.60
N GLY A 901 -4.72 41.00 8.27
CA GLY A 901 -5.23 40.71 9.60
C GLY A 901 -6.23 39.55 9.61
N LEU A 902 -6.95 39.36 8.51
CA LEU A 902 -7.95 38.32 8.36
C LEU A 902 -7.36 36.91 8.52
N THR A 903 -6.08 36.73 8.17
CA THR A 903 -5.37 35.48 8.44
C THR A 903 -5.39 35.12 9.93
N ALA A 904 -5.30 36.13 10.82
CA ALA A 904 -5.22 35.96 12.26
C ALA A 904 -6.61 35.91 12.91
N VAL A 905 -7.52 36.81 12.51
CA VAL A 905 -8.88 36.84 13.05
C VAL A 905 -9.60 35.51 12.79
N GLY A 906 -9.26 34.82 11.69
CA GLY A 906 -9.82 33.52 11.37
C GLY A 906 -9.61 32.46 12.45
N ASP A 907 -8.46 32.46 13.12
CA ASP A 907 -8.24 31.56 14.25
C ASP A 907 -9.22 31.82 15.39
N LYS A 908 -9.52 33.10 15.65
CA LYS A 908 -10.39 33.47 16.76
C LYS A 908 -11.85 33.28 16.38
N MET A 909 -12.23 33.49 15.11
CA MET A 909 -13.53 33.13 14.59
C MET A 909 -13.76 31.62 14.72
N ALA A 910 -12.80 30.83 14.25
CA ALA A 910 -12.94 29.39 14.26
C ALA A 910 -13.08 28.87 15.69
N SER A 911 -12.35 29.49 16.63
CA SER A 911 -12.45 29.20 18.05
C SER A 911 -13.85 29.52 18.58
N HIS A 912 -14.32 30.73 18.31
CA HIS A 912 -15.62 31.19 18.77
C HIS A 912 -16.78 30.34 18.25
N ILE A 913 -16.75 29.97 16.97
CA ILE A 913 -17.73 29.05 16.39
C ILE A 913 -17.69 27.70 17.12
N SER A 914 -16.49 27.16 17.38
CA SER A 914 -16.33 25.89 18.06
C SER A 914 -16.80 25.91 19.52
N ARG A 915 -16.98 27.10 20.13
CA ARG A 915 -17.55 27.21 21.46
C ARG A 915 -19.06 27.41 21.40
N ALA A 916 -19.52 28.31 20.53
CA ALA A 916 -20.92 28.64 20.43
C ALA A 916 -21.73 27.41 19.99
N LEU A 917 -21.22 26.72 18.95
CA LEU A 917 -21.76 25.47 18.42
C LEU A 917 -20.92 24.30 18.94
N PHE A 918 -21.30 23.07 18.60
CA PHE A 918 -20.44 21.88 18.70
C PHE A 918 -19.98 21.54 20.13
N LEU A 919 -19.19 20.45 20.23
CA LEU A 919 -18.89 19.82 21.51
C LEU A 919 -17.40 19.48 21.57
N PRO A 920 -16.80 19.38 22.79
CA PRO A 920 -15.35 19.51 22.96
C PRO A 920 -14.38 18.70 22.12
N PRO A 921 -14.69 17.48 21.59
CA PRO A 921 -13.78 16.81 20.65
C PRO A 921 -13.66 17.46 19.28
N ILE A 922 -14.70 18.23 18.87
CA ILE A 922 -14.80 18.89 17.57
C ILE A 922 -14.12 20.25 17.64
N LYS A 923 -13.39 20.57 16.57
CA LYS A 923 -12.66 21.81 16.44
C LYS A 923 -12.70 22.24 14.98
N LEU A 924 -13.12 23.48 14.78
CA LEU A 924 -13.04 24.18 13.51
C LEU A 924 -11.80 25.04 13.56
N GLU A 925 -11.05 25.03 12.45
CA GLU A 925 -9.74 25.66 12.39
C GLU A 925 -9.69 26.53 11.14
N CYS A 926 -8.99 27.66 11.23
CA CYS A 926 -8.70 28.44 10.05
C CYS A 926 -7.44 27.93 9.38
N GLU A 927 -7.56 27.40 8.14
CA GLU A 927 -6.43 26.81 7.42
C GLU A 927 -5.57 27.88 6.74
N LYS A 928 -6.21 28.64 5.84
CA LYS A 928 -5.53 29.46 4.86
C LYS A 928 -6.46 30.56 4.38
N THR A 929 -5.88 31.66 3.88
CA THR A 929 -6.65 32.71 3.22
C THR A 929 -6.21 32.81 1.76
N PHE A 930 -7.13 32.65 0.81
CA PHE A 930 -6.85 33.02 -0.56
C PHE A 930 -7.02 34.53 -0.70
N THR A 931 -6.10 35.20 -1.41
CA THR A 931 -6.34 36.59 -1.78
C THR A 931 -7.20 36.67 -3.04
N LYS A 932 -7.08 35.66 -3.90
CA LYS A 932 -7.86 35.51 -5.12
C LYS A 932 -8.26 34.05 -5.29
N LEU A 933 -9.49 33.79 -5.74
CA LEU A 933 -9.97 32.42 -5.86
C LEU A 933 -10.91 32.33 -7.07
N LEU A 934 -10.68 31.30 -7.87
CA LEU A 934 -11.57 30.90 -8.95
C LEU A 934 -12.27 29.62 -8.54
N LEU A 935 -13.57 29.72 -8.21
CA LEU A 935 -14.37 28.54 -8.00
C LEU A 935 -14.79 28.03 -9.37
N ILE A 936 -14.52 26.76 -9.66
CA ILE A 936 -14.89 26.18 -10.96
C ILE A 936 -16.06 25.21 -10.76
N ALA A 937 -15.95 24.30 -9.79
CA ALA A 937 -16.98 23.31 -9.49
C ALA A 937 -16.72 22.67 -8.12
N LYS A 938 -17.59 21.73 -7.69
CA LYS A 938 -17.30 20.93 -6.51
C LYS A 938 -15.91 20.31 -6.64
N LYS A 939 -15.02 20.57 -5.66
CA LYS A 939 -13.63 20.10 -5.62
C LYS A 939 -12.74 20.61 -6.77
N LYS A 940 -13.16 21.64 -7.52
CA LYS A 940 -12.30 22.25 -8.53
C LYS A 940 -12.17 23.75 -8.28
N TYR A 941 -10.95 24.22 -8.00
CA TYR A 941 -10.69 25.64 -7.89
C TYR A 941 -9.21 25.95 -8.08
N ILE A 942 -8.91 27.20 -8.37
CA ILE A 942 -7.54 27.69 -8.36
C ILE A 942 -7.52 28.93 -7.47
N GLY A 943 -6.52 29.07 -6.61
CA GLY A 943 -6.45 30.28 -5.79
C GLY A 943 -5.02 30.63 -5.41
N VAL A 944 -4.80 31.92 -5.12
CA VAL A 944 -3.51 32.37 -4.62
C VAL A 944 -3.65 32.63 -3.13
N ILE A 945 -2.82 31.94 -2.35
CA ILE A 945 -2.79 32.06 -0.90
C ILE A 945 -2.10 33.38 -0.52
N TYR A 946 -2.35 33.88 0.69
CA TYR A 946 -1.80 35.16 1.16
C TYR A 946 -0.27 35.22 1.05
N GLY A 947 0.42 34.08 1.19
CA GLY A 947 1.87 34.01 0.97
C GLY A 947 2.35 34.13 -0.48
N GLY A 948 1.43 34.29 -1.45
CA GLY A 948 1.76 34.46 -2.87
C GLY A 948 1.75 33.16 -3.67
N LYS A 949 1.76 32.02 -2.97
CA LYS A 949 1.75 30.71 -3.60
C LYS A 949 0.40 30.44 -4.27
N MET A 950 0.43 29.92 -5.51
CA MET A 950 -0.79 29.48 -6.16
C MET A 950 -1.05 28.02 -5.82
N LEU A 951 -2.31 27.74 -5.42
CA LEU A 951 -2.82 26.41 -5.18
C LEU A 951 -3.84 26.07 -6.27
N ILE A 952 -3.63 24.93 -6.94
CA ILE A 952 -4.57 24.40 -7.93
C ILE A 952 -5.15 23.11 -7.36
N LYS A 953 -6.49 23.02 -7.31
CA LYS A 953 -7.17 21.81 -6.83
C LYS A 953 -8.12 21.29 -7.91
N GLY A 954 -7.97 20.01 -8.27
CA GLY A 954 -8.89 19.33 -9.19
C GLY A 954 -8.76 19.69 -10.67
N VAL A 955 -7.70 20.42 -11.04
CA VAL A 955 -7.49 20.93 -12.40
C VAL A 955 -6.06 20.61 -12.84
N ASP A 956 -5.87 20.20 -14.10
CA ASP A 956 -4.55 20.15 -14.72
C ASP A 956 -4.43 21.24 -15.79
N LEU A 957 -3.44 22.14 -15.62
CA LEU A 957 -3.20 23.22 -16.56
C LEU A 957 -2.29 22.76 -17.71
N VAL A 958 -1.54 21.66 -17.50
CA VAL A 958 -0.75 21.03 -18.55
C VAL A 958 -1.42 19.70 -18.92
N ARG A 959 -1.67 19.52 -20.22
CA ARG A 959 -2.31 18.32 -20.75
C ARG A 959 -1.24 17.46 -21.44
N LYS A 960 -1.25 16.16 -21.12
CA LYS A 960 -0.22 15.21 -21.50
C LYS A 960 -0.18 14.97 -23.01
N ASN A 961 -1.35 15.11 -23.66
CA ASN A 961 -1.51 14.90 -25.10
C ASN A 961 -1.29 16.19 -25.91
N ASN A 962 -1.21 17.36 -25.26
CA ASN A 962 -0.95 18.63 -25.93
C ASN A 962 0.55 18.88 -26.05
N CYS A 963 0.89 19.74 -27.03
CA CYS A 963 2.27 20.15 -27.27
C CYS A 963 2.68 21.29 -26.33
N ALA A 964 3.98 21.61 -26.31
CA ALA A 964 4.56 22.60 -25.41
C ALA A 964 3.96 24.00 -25.62
N PHE A 965 3.69 24.37 -26.88
CA PHE A 965 3.08 25.65 -27.20
C PHE A 965 1.76 25.87 -26.46
N ILE A 966 0.90 24.84 -26.47
CA ILE A 966 -0.41 24.92 -25.83
C ILE A 966 -0.27 24.92 -24.31
N ASN A 967 0.58 24.04 -23.76
CA ASN A 967 0.77 23.96 -22.32
C ASN A 967 1.28 25.29 -21.76
N ARG A 968 2.34 25.87 -22.35
CA ARG A 968 2.90 27.11 -21.83
C ARG A 968 1.91 28.25 -21.96
N THR A 969 1.18 28.33 -23.07
CA THR A 969 0.22 29.39 -23.25
C THR A 969 -0.94 29.29 -22.26
N SER A 970 -1.38 28.05 -21.96
CA SER A 970 -2.42 27.81 -20.95
C SER A 970 -1.99 28.36 -19.59
N ARG A 971 -0.78 28.01 -19.12
CA ARG A 971 -0.20 28.61 -17.93
C ARG A 971 -0.15 30.14 -18.01
N ALA A 972 0.27 30.73 -19.13
CA ALA A 972 0.38 32.17 -19.24
C ALA A 972 -0.96 32.86 -19.02
N LEU A 973 -2.05 32.29 -19.52
CA LEU A 973 -3.38 32.87 -19.33
C LEU A 973 -3.79 32.80 -17.86
N VAL A 974 -3.69 31.62 -17.22
CA VAL A 974 -4.07 31.48 -15.82
C VAL A 974 -3.18 32.37 -14.94
N ASP A 975 -1.86 32.34 -15.14
CA ASP A 975 -0.93 33.13 -14.37
C ASP A 975 -1.28 34.61 -14.48
N LEU A 976 -1.71 35.07 -15.65
CA LEU A 976 -2.06 36.47 -15.81
C LEU A 976 -3.36 36.81 -15.08
N LEU A 977 -4.38 35.94 -15.10
CA LEU A 977 -5.60 36.13 -14.31
C LEU A 977 -5.31 36.31 -12.82
N PHE A 978 -4.34 35.57 -12.28
CA PHE A 978 -4.02 35.60 -10.85
C PHE A 978 -2.98 36.64 -10.47
N TYR A 979 -1.99 36.95 -11.32
CA TYR A 979 -0.90 37.84 -10.96
C TYR A 979 -0.96 39.21 -11.65
N ASP A 980 -1.87 39.44 -12.60
CA ASP A 980 -2.18 40.79 -13.06
C ASP A 980 -3.51 41.24 -12.44
N ASP A 981 -3.42 42.19 -11.50
CA ASP A 981 -4.58 42.72 -10.78
C ASP A 981 -5.61 43.34 -11.73
N THR A 982 -5.17 43.84 -12.89
CA THR A 982 -6.05 44.42 -13.89
C THR A 982 -6.95 43.34 -14.50
N VAL A 983 -6.34 42.20 -14.83
CA VAL A 983 -7.08 41.05 -15.32
C VAL A 983 -7.97 40.50 -14.20
N SER A 984 -7.44 40.39 -12.97
CA SER A 984 -8.22 39.94 -11.82
C SER A 984 -9.49 40.77 -11.61
N GLY A 985 -9.35 42.10 -11.55
CA GLY A 985 -10.49 43.00 -11.35
C GLY A 985 -11.53 42.91 -12.47
N ALA A 986 -11.07 42.86 -13.72
CA ALA A 986 -11.95 42.70 -14.87
C ALA A 986 -12.64 41.33 -14.88
N ALA A 987 -11.92 40.27 -14.46
CA ALA A 987 -12.50 38.93 -14.31
C ALA A 987 -13.58 38.90 -13.22
N ALA A 988 -13.40 39.67 -12.13
CA ALA A 988 -14.43 39.83 -11.11
C ALA A 988 -15.65 40.58 -11.66
N ALA A 989 -15.42 41.60 -12.51
CA ALA A 989 -16.50 42.34 -13.15
C ALA A 989 -17.40 41.43 -14.01
N LEU A 990 -16.86 40.35 -14.60
CA LEU A 990 -17.67 39.41 -15.40
C LEU A 990 -18.84 38.83 -14.59
N ALA A 991 -18.67 38.63 -13.27
CA ALA A 991 -19.69 37.99 -12.44
C ALA A 991 -20.88 38.92 -12.15
N GLU A 992 -20.81 40.20 -12.53
CA GLU A 992 -21.92 41.14 -12.36
C GLU A 992 -23.12 40.80 -13.25
N ARG A 993 -22.91 40.00 -14.31
CA ARG A 993 -23.91 39.79 -15.36
C ARG A 993 -23.96 38.31 -15.77
N PRO A 994 -25.10 37.82 -16.30
CA PRO A 994 -25.16 36.49 -16.90
C PRO A 994 -24.31 36.41 -18.17
N ALA A 995 -23.82 35.20 -18.46
CA ALA A 995 -22.86 34.95 -19.55
C ALA A 995 -23.34 35.47 -20.91
N GLU A 996 -24.65 35.35 -21.19
CA GLU A 996 -25.23 35.77 -22.47
C GLU A 996 -25.15 37.29 -22.66
N GLU A 997 -25.16 38.08 -21.57
CA GLU A 997 -25.20 39.53 -21.68
C GLU A 997 -23.85 40.10 -22.17
N TRP A 998 -22.75 39.40 -21.88
CA TRP A 998 -21.43 39.75 -22.40
C TRP A 998 -21.27 39.42 -23.90
N LEU A 999 -22.25 38.76 -24.53
CA LEU A 999 -22.28 38.65 -25.98
C LEU A 999 -22.68 39.99 -26.60
N ALA A 1000 -23.63 40.70 -25.96
CA ALA A 1000 -24.13 41.99 -26.42
C ALA A 1000 -23.20 43.13 -26.00
N ARG A 1001 -22.80 43.15 -24.72
CA ARG A 1001 -22.00 44.23 -24.15
C ARG A 1001 -20.51 44.07 -24.49
N PRO A 1002 -19.76 45.18 -24.65
CA PRO A 1002 -18.30 45.12 -24.67
C PRO A 1002 -17.71 44.48 -23.41
N LEU A 1003 -16.63 43.72 -23.60
CA LEU A 1003 -15.96 42.97 -22.54
C LEU A 1003 -15.31 43.94 -21.55
N PRO A 1004 -15.35 43.70 -20.20
CA PRO A 1004 -14.88 44.69 -19.22
C PRO A 1004 -13.40 45.02 -19.35
N GLU A 1005 -13.10 46.32 -19.14
CA GLU A 1005 -11.76 46.86 -19.31
C GLU A 1005 -10.79 46.23 -18.30
N GLY A 1006 -9.68 45.70 -18.83
CA GLY A 1006 -8.70 44.96 -18.05
C GLY A 1006 -8.48 43.53 -18.57
N LEU A 1007 -9.48 42.97 -19.29
CA LEU A 1007 -9.30 41.68 -19.95
C LEU A 1007 -8.55 41.81 -21.30
N GLN A 1008 -8.27 43.03 -21.78
CA GLN A 1008 -7.55 43.22 -23.03
C GLN A 1008 -6.12 42.65 -22.96
N ALA A 1009 -5.50 42.72 -21.78
CA ALA A 1009 -4.18 42.10 -21.54
C ALA A 1009 -4.25 40.58 -21.58
N PHE A 1010 -5.39 39.99 -21.18
CA PHE A 1010 -5.62 38.54 -21.28
C PHE A 1010 -5.80 38.12 -22.75
N GLY A 1011 -6.67 38.84 -23.49
CA GLY A 1011 -6.81 38.66 -24.92
C GLY A 1011 -5.48 38.75 -25.68
N ALA A 1012 -4.60 39.68 -25.28
CA ALA A 1012 -3.31 39.89 -25.93
C ALA A 1012 -2.44 38.63 -25.96
N VAL A 1013 -2.52 37.75 -24.95
CA VAL A 1013 -1.76 36.50 -24.91
C VAL A 1013 -2.31 35.50 -25.94
N LEU A 1014 -3.64 35.50 -26.14
CA LEU A 1014 -4.25 34.66 -27.16
C LEU A 1014 -3.83 35.15 -28.54
N VAL A 1015 -3.86 36.47 -28.78
CA VAL A 1015 -3.46 37.03 -30.07
C VAL A 1015 -1.98 36.74 -30.34
N ASP A 1016 -1.13 36.89 -29.33
CA ASP A 1016 0.30 36.60 -29.45
C ASP A 1016 0.53 35.13 -29.82
N ALA A 1017 -0.08 34.21 -29.08
CA ALA A 1017 0.02 32.79 -29.35
C ALA A 1017 -0.50 32.44 -30.75
N HIS A 1018 -1.60 33.07 -31.18
CA HIS A 1018 -2.15 32.89 -32.52
C HIS A 1018 -1.15 33.34 -33.59
N ARG A 1019 -0.54 34.51 -33.40
CA ARG A 1019 0.47 35.04 -34.31
C ARG A 1019 1.63 34.04 -34.47
N ARG A 1020 2.09 33.49 -33.35
CA ARG A 1020 3.22 32.57 -33.30
C ARG A 1020 2.93 31.22 -33.95
N ILE A 1021 1.67 30.89 -34.27
CA ILE A 1021 1.39 29.73 -35.12
C ILE A 1021 1.75 30.08 -36.56
N THR A 1022 1.07 31.08 -37.13
CA THR A 1022 1.21 31.40 -38.55
C THR A 1022 2.25 32.50 -38.76
N ASP A 1023 3.49 32.23 -38.33
CA ASP A 1023 4.64 33.12 -38.52
C ASP A 1023 5.84 32.33 -39.06
N PRO A 1024 6.72 32.96 -39.89
CA PRO A 1024 8.03 32.39 -40.16
C PRO A 1024 8.86 32.49 -38.88
N GLU A 1025 9.94 31.71 -38.80
CA GLU A 1025 10.71 31.51 -37.57
C GLU A 1025 9.88 30.88 -36.46
N ARG A 1026 8.74 30.24 -36.81
CA ARG A 1026 8.01 29.36 -35.90
C ARG A 1026 8.98 28.27 -35.44
N ASP A 1027 9.22 28.22 -34.12
CA ASP A 1027 9.98 27.16 -33.48
C ASP A 1027 9.12 25.89 -33.46
N ILE A 1028 9.18 25.13 -34.56
CA ILE A 1028 8.30 24.00 -34.81
C ILE A 1028 8.40 22.97 -33.68
N GLN A 1029 9.53 22.93 -32.97
CA GLN A 1029 9.74 22.00 -31.86
C GLN A 1029 8.72 22.19 -30.72
N ASP A 1030 8.18 23.40 -30.52
CA ASP A 1030 7.14 23.66 -29.52
C ASP A 1030 5.79 23.00 -29.89
N PHE A 1031 5.57 22.76 -31.20
CA PHE A 1031 4.29 22.34 -31.74
C PHE A 1031 4.25 20.85 -32.09
N VAL A 1032 5.29 20.09 -31.73
CA VAL A 1032 5.37 18.68 -32.06
C VAL A 1032 4.46 17.85 -31.15
N LEU A 1033 3.45 17.22 -31.76
CA LEU A 1033 2.71 16.12 -31.17
C LEU A 1033 3.52 14.83 -31.29
N THR A 1034 3.13 13.75 -30.58
CA THR A 1034 3.91 12.50 -30.62
C THR A 1034 3.08 11.26 -30.26
N ALA A 1035 3.42 10.10 -30.88
CA ALA A 1035 2.97 8.76 -30.47
C ALA A 1035 3.95 7.69 -30.98
N GLU A 1036 4.00 6.49 -30.36
CA GLU A 1036 4.81 5.37 -30.88
C GLU A 1036 3.93 4.36 -31.62
N LEU A 1037 4.30 4.09 -32.88
CA LEU A 1037 3.43 3.40 -33.82
C LEU A 1037 3.06 2.00 -33.32
N SER A 1038 4.06 1.23 -32.82
CA SER A 1038 3.90 0.01 -32.04
C SER A 1038 3.36 -1.22 -32.81
N ARG A 1039 2.27 -1.05 -33.57
CA ARG A 1039 1.64 -2.09 -34.37
C ARG A 1039 2.41 -2.33 -35.68
N HIS A 1040 1.79 -3.02 -36.65
CA HIS A 1040 2.21 -2.89 -38.04
C HIS A 1040 1.57 -1.64 -38.64
N PRO A 1041 2.18 -1.02 -39.66
CA PRO A 1041 1.81 0.35 -40.06
C PRO A 1041 0.61 0.54 -41.00
N ARG A 1042 -0.16 -0.53 -41.26
CA ARG A 1042 -1.26 -0.51 -42.22
C ARG A 1042 -2.59 -0.15 -41.50
N ALA A 1043 -3.73 -0.51 -42.11
CA ALA A 1043 -5.01 0.16 -41.89
C ALA A 1043 -5.55 0.08 -40.44
N TYR A 1044 -5.59 -1.12 -39.84
CA TYR A 1044 -6.39 -1.40 -38.64
C TYR A 1044 -7.83 -0.92 -38.86
N THR A 1045 -8.43 -0.24 -37.87
CA THR A 1045 -9.84 0.17 -37.96
C THR A 1045 -9.95 1.65 -38.32
N ASN A 1046 -9.31 2.53 -37.54
CA ASN A 1046 -9.54 3.96 -37.64
C ASN A 1046 -8.58 4.64 -38.63
N LYS A 1047 -7.44 3.98 -38.96
CA LYS A 1047 -6.57 4.27 -40.11
C LYS A 1047 -5.79 5.59 -40.00
N ARG A 1048 -6.52 6.72 -39.88
CA ARG A 1048 -6.02 8.06 -40.16
C ARG A 1048 -5.35 8.69 -38.92
N LEU A 1049 -4.48 7.93 -38.23
CA LEU A 1049 -4.08 8.21 -36.86
C LEU A 1049 -3.01 9.30 -36.71
N ALA A 1050 -2.79 10.11 -37.77
CA ALA A 1050 -1.73 11.13 -37.82
C ALA A 1050 -0.33 10.50 -37.79
N HIS A 1051 -0.02 9.65 -36.79
CA HIS A 1051 1.31 9.08 -36.72
C HIS A 1051 1.54 8.06 -37.83
N LEU A 1052 0.51 7.28 -38.18
CA LEU A 1052 0.54 6.45 -39.38
C LEU A 1052 0.70 7.27 -40.67
N THR A 1053 -0.03 8.38 -40.82
CA THR A 1053 0.10 9.20 -42.02
C THR A 1053 1.36 10.08 -41.99
N VAL A 1054 2.15 10.03 -40.90
CA VAL A 1054 3.50 10.59 -40.86
C VAL A 1054 4.51 9.47 -40.62
N TYR A 1055 4.16 8.24 -41.07
CA TYR A 1055 5.08 7.12 -41.17
C TYR A 1055 4.95 6.48 -42.55
N TYR A 1056 3.75 5.97 -42.83
CA TYR A 1056 3.44 5.20 -44.02
C TYR A 1056 3.05 6.15 -45.16
N LYS A 1057 1.85 6.72 -45.11
CA LYS A 1057 1.37 7.63 -46.14
C LYS A 1057 1.94 9.04 -45.95
N LEU A 1058 3.27 9.11 -45.69
CA LEU A 1058 3.98 10.27 -45.12
C LEU A 1058 3.58 11.64 -45.72
N MET A 1059 3.05 12.55 -44.87
CA MET A 1059 2.60 13.89 -45.22
C MET A 1059 3.59 14.67 -46.10
N ALA A 1060 4.87 14.76 -45.70
CA ALA A 1060 5.80 15.79 -46.20
C ALA A 1060 6.84 15.23 -47.18
N ARG A 1061 7.08 13.90 -47.16
CA ARG A 1061 8.34 13.29 -47.57
C ARG A 1061 8.11 11.90 -48.24
N ARG A 1062 9.20 11.15 -48.51
CA ARG A 1062 9.21 9.85 -49.22
C ARG A 1062 8.28 8.79 -48.59
N ALA A 1063 8.02 7.69 -49.33
CA ALA A 1063 6.89 6.80 -49.06
C ALA A 1063 7.09 5.83 -47.88
N GLN A 1064 8.23 5.85 -47.17
CA GLN A 1064 8.46 4.99 -46.00
C GLN A 1064 9.36 5.69 -44.97
N VAL A 1065 9.31 5.21 -43.71
CA VAL A 1065 10.08 5.74 -42.58
C VAL A 1065 10.79 4.58 -41.86
N PRO A 1066 12.04 4.76 -41.35
CA PRO A 1066 12.85 3.63 -40.89
C PRO A 1066 12.40 2.81 -39.68
N SER A 1067 11.77 3.43 -38.66
CA SER A 1067 11.60 2.80 -37.35
C SER A 1067 10.13 2.60 -36.97
N ILE A 1068 9.78 1.35 -36.60
CA ILE A 1068 8.39 0.92 -36.41
C ILE A 1068 7.94 1.04 -34.96
N LYS A 1069 8.87 0.97 -33.99
CA LYS A 1069 8.48 0.83 -32.59
C LYS A 1069 8.74 2.08 -31.75
N ASP A 1070 9.42 3.10 -32.29
CA ASP A 1070 9.69 4.32 -31.53
C ASP A 1070 8.70 5.44 -31.86
N ARG A 1071 8.86 6.58 -31.16
CA ARG A 1071 7.90 7.68 -31.17
C ARG A 1071 8.08 8.54 -32.42
N ILE A 1072 6.98 8.62 -33.20
CA ILE A 1072 6.82 9.50 -34.36
C ILE A 1072 6.55 10.92 -33.86
N PRO A 1073 7.45 11.91 -34.11
CA PRO A 1073 7.11 13.32 -33.90
C PRO A 1073 6.40 13.85 -35.14
N TYR A 1074 5.33 14.61 -34.94
CA TYR A 1074 4.60 15.16 -36.08
C TYR A 1074 3.95 16.50 -35.75
N VAL A 1075 3.67 17.26 -36.82
CA VAL A 1075 3.11 18.61 -36.70
C VAL A 1075 2.12 18.80 -37.84
N ILE A 1076 0.91 19.27 -37.48
CA ILE A 1076 -0.18 19.48 -38.42
C ILE A 1076 0.15 20.67 -39.33
N VAL A 1077 -0.23 20.58 -40.62
CA VAL A 1077 0.09 21.61 -41.60
C VAL A 1077 -1.09 21.84 -42.56
N ALA A 1078 -1.14 23.03 -43.19
CA ALA A 1078 -2.26 23.46 -44.02
C ALA A 1078 -2.46 22.65 -45.33
N GLN A 1079 -3.73 22.54 -45.76
CA GLN A 1079 -4.07 22.11 -47.11
C GLN A 1079 -3.47 23.10 -48.12
N THR A 1080 -2.73 22.55 -49.10
CA THR A 1080 -1.72 23.31 -49.84
C THR A 1080 -1.62 22.95 -51.34
N ARG A 1081 -2.43 21.98 -51.82
CA ARG A 1081 -2.33 21.42 -53.18
C ARG A 1081 -0.93 20.83 -53.44
N GLU A 1082 -0.29 20.38 -52.35
CA GLU A 1082 1.03 19.75 -52.36
C GLU A 1082 1.02 18.61 -51.33
N VAL A 1083 0.68 18.94 -50.07
CA VAL A 1083 0.46 17.92 -49.05
C VAL A 1083 -0.77 17.08 -49.42
N GLU A 1084 -1.84 17.73 -49.92
CA GLU A 1084 -3.01 17.04 -50.44
C GLU A 1084 -2.59 15.99 -51.47
N GLU A 1085 -1.93 16.40 -52.56
CA GLU A 1085 -1.45 15.49 -53.60
C GLU A 1085 -0.59 14.37 -53.00
N THR A 1086 0.28 14.70 -52.03
CA THR A 1086 1.12 13.70 -51.40
C THR A 1086 0.28 12.62 -50.70
N VAL A 1087 -0.61 13.00 -49.78
CA VAL A 1087 -1.42 12.03 -49.05
C VAL A 1087 -2.43 11.34 -49.98
N ALA A 1088 -3.05 12.10 -50.90
CA ALA A 1088 -4.07 11.61 -51.82
C ALA A 1088 -3.50 10.62 -52.84
N ARG A 1089 -2.22 10.79 -53.26
CA ARG A 1089 -1.54 9.80 -54.07
C ARG A 1089 -1.00 8.65 -53.21
N LEU A 1090 -0.49 8.90 -52.00
CA LEU A 1090 -0.05 7.80 -51.13
C LEU A 1090 -1.21 6.86 -50.78
N ALA A 1091 -2.44 7.40 -50.68
CA ALA A 1091 -3.66 6.60 -50.52
C ALA A 1091 -3.90 5.64 -51.70
N ALA A 1092 -3.38 5.99 -52.90
CA ALA A 1092 -3.39 5.11 -54.07
C ALA A 1092 -2.19 4.14 -54.07
N LEU A 1093 -1.00 4.61 -53.65
CA LEU A 1093 0.20 3.77 -53.64
C LEU A 1093 0.00 2.59 -52.67
N ARG A 1094 -0.28 2.90 -51.39
CA ARG A 1094 -0.84 1.99 -50.39
C ARG A 1094 -0.26 0.56 -50.55
P AS B 47 11.18 -2.62 -16.99
OP1 AS B 47 10.45 -1.87 -18.07
S2P AS B 47 12.60 -1.68 -16.03
O5' AS B 47 11.77 -3.92 -17.71
C5' AS B 47 11.01 -5.15 -17.76
C4' AS B 47 11.06 -5.72 -19.16
O4' AS B 47 9.81 -5.43 -19.80
C3' AS B 47 12.14 -5.13 -20.07
O3' AS B 47 13.33 -5.91 -19.97
C2' AS B 47 11.51 -5.25 -21.46
C1' AS B 47 10.02 -5.17 -21.19
N9 AS B 47 9.41 -3.88 -21.47
C8 AS B 47 9.44 -2.75 -20.70
N7 AS B 47 8.75 -1.75 -21.22
C5 AS B 47 8.24 -2.27 -22.40
C6 AS B 47 7.42 -1.72 -23.41
N6 AS B 47 6.96 -0.46 -23.40
N1 AS B 47 7.10 -2.52 -24.45
C2 AS B 47 7.56 -3.78 -24.47
N3 AS B 47 8.34 -4.40 -23.58
C4 AS B 47 8.64 -3.59 -22.56
CA CA D . 10.96 -3.92 -11.84
#